data_6O1F
#
_entry.id   6O1F
#
_cell.length_a   128.520
_cell.length_b   128.520
_cell.length_c   245.880
_cell.angle_alpha   90.00
_cell.angle_beta   90.00
_cell.angle_gamma   120.00
#
_symmetry.space_group_name_H-M   'P 62 2 2'
#
loop_
_entity.id
_entity.type
_entity.pdbx_description
1 polymer 'Tryptase alpha/beta-1'
2 polymer 'Heavy Chain hu31A.v11'
3 polymer 'Trypsin inhibitor A'
4 polymer 'Light Chain hu31A.v11'
5 non-polymer 1,2-ETHANEDIOL
6 water water
#
loop_
_entity_poly.entity_id
_entity_poly.type
_entity_poly.pdbx_seq_one_letter_code
_entity_poly.pdbx_strand_id
1 'polypeptide(L)'
;AGSTHHHHHHDDDDKIVGGQEAPRSKWPWQVSLRVHGPYWMHFCGGSLIHPQWVLTAAHCVGPDVKDLAALRVQLREQHL
YYQDQLLPVSRIIVHPQFYTAQIGADIALLELEEPVNVSSHVHTVTLPPASETFPPGMPCWVTGWGDVDNDERLPPPFPL
KQVKVPIMENHICDAKYHLGAYTGDDVRIVRDDMLCAGNTRRDSCQGDSGGPLVCKVNGTWLQAGVVSWGEGCAQPNRPG
IYTRVTYYLDWIHHYVPKKP
;
A
2 'polypeptide(L)'
;EVQLVESGGGLVQPGGSLRLSCAASGFTFSDYGMVWVRQAPGKGLEWVAFISSGSSTVYYADTMKGRFTISRDNSKNTLY
LQMNSLRAEDTAVYYCTRRNYDDWYFDVWGQGTLVTVSSASTKGPSVFPLAPSSKSTSGGTAALGCLVKDYFPEPVTVSW
NSGALTSGVHTFPAVLQSSGLYSLSSVVTVPSSSLGTQTYICNVNHKPSNTKVDKKVEPKSCDKTHT
;
H
3 'polypeptide(L)'
;DFVLDNEGNPLENGGTYYILSDITAFGGIRAAPTGNERCPLTVVQSRNELDKGIGTIISSPYRIRFIAEGHPLSLKFDSF
AVIMLCVGIPTEWSVVEDLPEGPAVKIGENKDAMDGWFRLERVSDDEFNNYKLVFCPQQAEDDKCGDIGISIDHDDGTRR
LVVSKNKPLVVQFQKLDKESLAKKNHGLSRSE
;
I
4 'polypeptide(L)'
;DIQMTQSPSSLSASVGDRVTITCSASSSVTYMYWYQQKPGKSPKPWIYRTSDLASGVPSRFSGSGSGTDFTLTISSLQPE
DFATYYCQHYHSYPLTFGQGTKVEIKRTVAAPSVFIFPPSDEQLKSGTASVVCLLNNFYPREAKVQWKVDNALQSGNSQE
SVTEQDSKDSTYSLSSTLTLSKADYEKHKVYACEVTHQGLSSPVTKSFNRGEC
;
L
#
loop_
_chem_comp.id
_chem_comp.type
_chem_comp.name
_chem_comp.formula
EDO non-polymer 1,2-ETHANEDIOL 'C2 H6 O2'
#
# COMPACT_ATOMS: atom_id res chain seq x y z
N ILE A 16 -15.54 20.08 -24.04
CA ILE A 16 -15.43 20.59 -25.42
C ILE A 16 -16.41 21.73 -25.61
N VAL A 17 -15.89 22.91 -26.02
CA VAL A 17 -16.67 24.13 -26.29
C VAL A 17 -16.92 24.16 -27.82
N GLY A 18 -18.17 24.41 -28.20
CA GLY A 18 -18.60 24.36 -29.60
C GLY A 18 -18.65 22.90 -30.02
N GLY A 19 -18.76 22.63 -31.30
CA GLY A 19 -18.79 21.23 -31.68
C GLY A 19 -20.04 20.44 -31.31
N GLN A 20 -19.96 19.14 -31.54
CA GLN A 20 -21.09 18.25 -31.48
C GLN A 20 -20.78 16.96 -30.81
N GLU A 21 -21.83 16.13 -30.61
N GLU A 21 -21.81 16.14 -30.62
CA GLU A 21 -21.69 14.78 -30.08
CA GLU A 21 -21.67 14.80 -30.07
C GLU A 21 -21.00 13.98 -31.17
C GLU A 21 -21.03 13.96 -31.16
N ALA A 22 -20.00 13.18 -30.80
CA ALA A 22 -19.28 12.36 -31.75
C ALA A 22 -20.12 11.16 -32.24
N PRO A 23 -20.13 10.83 -33.56
CA PRO A 23 -20.81 9.60 -33.98
C PRO A 23 -20.08 8.41 -33.31
N ARG A 24 -20.78 7.30 -33.04
CA ARG A 24 -20.20 6.13 -32.34
C ARG A 24 -18.93 5.59 -33.01
N SER A 25 -18.86 5.71 -34.34
CA SER A 25 -17.76 5.20 -35.14
C SER A 25 -16.48 6.05 -35.14
N LYS A 26 -16.50 7.25 -34.53
CA LYS A 26 -15.32 8.11 -34.56
C LYS A 26 -14.56 8.10 -33.25
N TRP A 27 -13.24 8.39 -33.34
CA TRP A 27 -12.29 8.49 -32.23
C TRP A 27 -12.23 7.20 -31.39
N PRO A 28 -11.81 6.08 -32.04
CA PRO A 28 -11.74 4.79 -31.33
C PRO A 28 -10.64 4.72 -30.28
N TRP A 29 -9.72 5.70 -30.27
CA TRP A 29 -8.58 5.79 -29.35
C TRP A 29 -8.87 6.60 -28.10
N GLN A 30 -10.02 7.27 -28.02
CA GLN A 30 -10.39 8.08 -26.84
C GLN A 30 -10.56 7.19 -25.62
N VAL A 31 -9.96 7.62 -24.51
CA VAL A 31 -10.12 6.89 -23.25
C VAL A 31 -10.51 7.87 -22.14
N SER A 32 -11.02 7.30 -21.03
CA SER A 32 -11.41 8.08 -19.84
C SER A 32 -10.65 7.47 -18.71
N LEU A 33 -9.99 8.33 -17.91
CA LEU A 33 -9.22 7.88 -16.74
C LEU A 33 -10.08 8.06 -15.52
N ARG A 34 -10.20 6.99 -14.72
CA ARG A 34 -11.04 6.92 -13.51
C ARG A 34 -10.25 6.76 -12.22
N VAL A 35 -10.72 7.42 -11.16
CA VAL A 35 -10.12 7.40 -9.82
C VAL A 35 -11.14 6.85 -8.83
N HIS A 36 -10.72 5.94 -7.97
CA HIS A 36 -11.60 5.32 -7.00
C HIS A 36 -12.09 6.33 -5.95
N GLY A 37 -13.37 6.23 -5.61
CA GLY A 37 -13.99 7.02 -4.56
C GLY A 37 -15.42 6.55 -4.36
N PRO A 38 -16.36 7.43 -4.02
CA PRO A 38 -17.78 7.00 -3.92
C PRO A 38 -18.29 6.40 -5.24
N TYR A 39 -17.62 6.75 -6.36
CA TYR A 39 -17.80 6.20 -7.71
C TYR A 39 -16.49 6.31 -8.46
N TRP A 40 -16.35 5.57 -9.59
CA TRP A 40 -15.15 5.61 -10.43
C TRP A 40 -15.22 6.85 -11.29
N MET A 41 -14.76 7.96 -10.71
CA MET A 41 -14.84 9.26 -11.28
C MET A 41 -13.84 9.54 -12.39
N HIS A 42 -14.36 10.09 -13.51
CA HIS A 42 -13.53 10.55 -14.63
C HIS A 42 -12.74 11.80 -14.15
N PHE A 43 -11.41 11.76 -14.27
CA PHE A 43 -10.63 12.97 -13.90
C PHE A 43 -9.91 13.53 -15.11
N CYS A 44 -9.65 12.72 -16.16
CA CYS A 44 -8.92 13.14 -17.36
C CYS A 44 -9.27 12.23 -18.53
N GLY A 45 -8.95 12.71 -19.72
CA GLY A 45 -9.01 11.92 -20.93
C GLY A 45 -7.63 11.31 -21.15
N GLY A 46 -7.54 10.47 -22.16
CA GLY A 46 -6.29 9.85 -22.58
C GLY A 46 -6.48 9.36 -24.00
N SER A 47 -5.44 8.74 -24.58
CA SER A 47 -5.58 8.13 -25.90
C SER A 47 -4.87 6.82 -25.91
N LEU A 48 -5.41 5.83 -26.62
CA LEU A 48 -4.74 4.54 -26.74
C LEU A 48 -3.71 4.63 -27.89
N ILE A 49 -2.42 4.57 -27.57
CA ILE A 49 -1.35 4.73 -28.60
C ILE A 49 -0.69 3.42 -28.93
N HIS A 50 -0.96 2.40 -28.14
CA HIS A 50 -0.43 1.07 -28.38
C HIS A 50 -1.44 0.15 -27.72
N PRO A 51 -1.68 -1.10 -28.18
CA PRO A 51 -2.68 -1.94 -27.49
C PRO A 51 -2.52 -2.01 -25.97
N GLN A 52 -1.30 -1.75 -25.45
CA GLN A 52 -1.05 -1.79 -24.00
C GLN A 52 -0.68 -0.44 -23.36
N TRP A 53 -0.77 0.67 -24.09
CA TRP A 53 -0.35 1.96 -23.53
C TRP A 53 -1.28 3.09 -23.80
N VAL A 54 -1.54 3.88 -22.77
CA VAL A 54 -2.38 5.06 -22.79
C VAL A 54 -1.49 6.26 -22.62
N LEU A 55 -1.71 7.28 -23.48
CA LEU A 55 -1.00 8.55 -23.40
C LEU A 55 -1.92 9.55 -22.74
N THR A 56 -1.40 10.35 -21.82
CA THR A 56 -2.21 11.37 -21.13
C THR A 56 -1.32 12.57 -20.73
N ALA A 57 -1.87 13.52 -19.92
CA ALA A 57 -1.09 14.67 -19.43
C ALA A 57 -0.51 14.36 -18.06
N ALA A 58 0.71 14.84 -17.76
CA ALA A 58 1.31 14.59 -16.45
C ALA A 58 0.49 15.13 -15.28
N HIS A 59 -0.15 16.30 -15.45
CA HIS A 59 -0.94 16.93 -14.39
C HIS A 59 -2.12 16.07 -13.98
N CYS A 60 -2.55 15.19 -14.90
CA CYS A 60 -3.66 14.26 -14.67
C CYS A 60 -3.33 13.24 -13.58
N VAL A 61 -2.06 12.82 -13.50
CA VAL A 61 -1.63 11.75 -12.58
C VAL A 61 -0.52 12.17 -11.62
N GLY A 62 0.06 13.33 -11.81
CA GLY A 62 1.15 13.89 -11.01
C GLY A 62 0.89 15.30 -10.54
N PRO A 63 1.75 15.83 -9.64
CA PRO A 63 3.01 15.23 -9.13
C PRO A 63 2.86 14.13 -8.06
N ASP A 64 1.72 14.00 -7.36
CA ASP A 64 1.45 12.95 -6.35
C ASP A 64 0.67 11.81 -6.99
N VAL A 65 1.37 10.79 -7.49
CA VAL A 65 0.73 9.64 -8.17
C VAL A 65 -0.02 8.75 -7.20
N LYS A 66 -1.27 8.46 -7.53
CA LYS A 66 -2.18 7.56 -6.82
C LYS A 66 -1.68 6.11 -7.00
N ASP A 67 -2.03 5.20 -6.06
CA ASP A 67 -1.73 3.77 -6.11
C ASP A 67 -2.32 3.25 -7.42
N LEU A 68 -1.74 2.18 -7.97
CA LEU A 68 -2.28 1.48 -9.12
C LEU A 68 -3.71 1.01 -8.80
N ALA A 69 -3.97 0.57 -7.54
CA ALA A 69 -5.30 0.13 -7.11
C ALA A 69 -6.37 1.23 -7.18
N ALA A 70 -5.97 2.51 -7.10
CA ALA A 70 -6.89 3.63 -7.12
C ALA A 70 -7.30 4.10 -8.53
N LEU A 71 -6.72 3.53 -9.59
CA LEU A 71 -6.99 4.00 -10.96
C LEU A 71 -7.51 2.91 -11.89
N ARG A 72 -8.26 3.31 -12.93
CA ARG A 72 -8.77 2.41 -13.96
C ARG A 72 -8.82 3.14 -15.28
N VAL A 73 -8.73 2.37 -16.37
CA VAL A 73 -8.86 2.93 -17.70
C VAL A 73 -10.17 2.46 -18.26
N GLN A 74 -10.92 3.38 -18.86
CA GLN A 74 -12.19 3.11 -19.55
C GLN A 74 -11.95 3.42 -21.02
N LEU A 75 -12.06 2.41 -21.88
CA LEU A 75 -11.88 2.63 -23.34
C LEU A 75 -13.09 3.39 -23.92
N ARG A 76 -13.02 3.74 -25.20
CA ARG A 76 -14.06 4.54 -25.83
C ARG A 76 -15.46 4.12 -25.46
N GLU A 77 -16.22 5.06 -24.91
CA GLU A 77 -17.63 4.87 -24.64
C GLU A 77 -18.39 6.09 -25.10
N GLN A 78 -19.57 5.88 -25.66
CA GLN A 78 -20.41 6.96 -26.17
C GLN A 78 -20.91 7.85 -25.05
N HIS A 79 -21.29 7.26 -23.90
CA HIS A 79 -21.86 7.99 -22.80
C HIS A 79 -21.11 7.66 -21.53
N LEU A 80 -20.38 8.67 -20.98
CA LEU A 80 -19.57 8.49 -19.77
C LEU A 80 -20.40 8.00 -18.61
N TYR A 81 -19.95 6.88 -17.95
CA TYR A 81 -20.62 6.27 -16.78
C TYR A 81 -21.73 5.29 -17.18
N TYR A 82 -22.13 5.24 -18.47
CA TYR A 82 -23.15 4.31 -18.97
C TYR A 82 -22.37 3.16 -19.62
N GLN A 83 -22.56 1.95 -19.10
CA GLN A 83 -21.90 0.73 -19.59
C GLN A 83 -20.37 0.76 -19.41
N ASP A 84 -19.90 1.15 -18.20
CA ASP A 84 -18.46 1.13 -17.90
C ASP A 84 -17.92 -0.33 -17.88
N GLN A 85 -16.68 -0.50 -18.32
CA GLN A 85 -15.94 -1.76 -18.32
C GLN A 85 -14.53 -1.27 -18.01
N LEU A 86 -14.15 -1.36 -16.74
CA LEU A 86 -12.91 -0.77 -16.25
C LEU A 86 -11.73 -1.71 -16.31
N LEU A 87 -10.60 -1.17 -16.75
CA LEU A 87 -9.39 -1.92 -16.98
C LEU A 87 -8.30 -1.58 -16.00
N PRO A 88 -7.57 -2.59 -15.52
CA PRO A 88 -6.46 -2.33 -14.59
C PRO A 88 -5.18 -1.83 -15.28
N VAL A 89 -4.36 -1.14 -14.50
CA VAL A 89 -3.11 -0.51 -14.91
C VAL A 89 -1.97 -1.18 -14.18
N SER A 90 -0.86 -1.39 -14.89
CA SER A 90 0.28 -2.04 -14.24
C SER A 90 1.37 -1.04 -13.92
N ARG A 91 1.30 0.14 -14.54
CA ARG A 91 2.34 1.12 -14.35
C ARG A 91 1.93 2.53 -14.71
N ILE A 92 2.42 3.50 -13.95
CA ILE A 92 2.18 4.92 -14.21
C ILE A 92 3.54 5.60 -14.41
N ILE A 93 3.73 6.27 -15.56
CA ILE A 93 4.99 6.99 -15.81
C ILE A 93 4.73 8.46 -16.07
N VAL A 94 5.10 9.35 -15.13
CA VAL A 94 4.96 10.81 -15.27
C VAL A 94 6.30 11.29 -15.92
N HIS A 95 6.26 12.23 -16.88
CA HIS A 95 7.52 12.73 -17.47
C HIS A 95 8.43 13.27 -16.34
N PRO A 96 9.73 12.88 -16.28
CA PRO A 96 10.56 13.33 -15.13
C PRO A 96 10.79 14.83 -15.00
N GLN A 97 10.45 15.60 -16.03
CA GLN A 97 10.69 17.02 -15.97
C GLN A 97 9.46 17.81 -15.58
N PHE A 98 8.35 17.12 -15.30
CA PHE A 98 7.13 17.79 -14.88
C PHE A 98 7.27 18.19 -13.42
N TYR A 99 6.99 19.45 -13.12
CA TYR A 99 7.03 19.97 -11.76
C TYR A 99 6.09 21.17 -11.66
N THR A 100 5.70 21.54 -10.44
CA THR A 100 4.75 22.63 -10.15
C THR A 100 5.03 24.00 -10.81
N ALA A 101 6.14 24.66 -10.40
CA ALA A 101 6.52 26.02 -10.75
C ALA A 101 6.82 26.27 -12.23
N GLN A 102 6.51 25.31 -13.09
CA GLN A 102 6.65 25.49 -14.54
C GLN A 102 5.55 24.73 -15.28
N ILE A 103 4.87 25.42 -16.21
CA ILE A 103 3.84 24.82 -17.04
C ILE A 103 4.66 24.17 -18.14
N GLY A 104 4.60 22.86 -18.21
CA GLY A 104 5.41 22.18 -19.21
C GLY A 104 5.72 20.75 -18.85
N ALA A 105 6.38 20.02 -19.79
CA ALA A 105 6.68 18.59 -19.69
C ALA A 105 5.39 17.87 -19.29
N ASP A 106 4.24 18.37 -19.77
CA ASP A 106 2.94 17.88 -19.35
C ASP A 106 2.52 16.67 -20.16
N ILE A 107 3.11 15.52 -19.86
CA ILE A 107 2.86 14.26 -20.56
C ILE A 107 3.11 13.07 -19.64
N ALA A 108 2.31 12.01 -19.82
CA ALA A 108 2.45 10.83 -18.97
C ALA A 108 1.97 9.60 -19.72
N LEU A 109 2.36 8.42 -19.23
CA LEU A 109 1.98 7.14 -19.83
C LEU A 109 1.35 6.23 -18.79
N LEU A 110 0.36 5.43 -19.18
CA LEU A 110 -0.18 4.39 -18.30
C LEU A 110 -0.05 3.09 -19.07
N GLU A 111 0.59 2.10 -18.47
CA GLU A 111 0.70 0.80 -19.11
C GLU A 111 -0.45 -0.03 -18.60
N LEU A 112 -1.22 -0.60 -19.51
CA LEU A 112 -2.33 -1.49 -19.15
C LEU A 112 -1.77 -2.86 -18.76
N GLU A 113 -2.46 -3.63 -17.91
CA GLU A 113 -1.96 -4.99 -17.57
C GLU A 113 -1.99 -5.92 -18.78
N GLU A 114 -2.97 -5.75 -19.66
CA GLU A 114 -3.14 -6.58 -20.85
C GLU A 114 -3.28 -5.72 -22.11
N PRO A 115 -2.79 -6.19 -23.29
CA PRO A 115 -3.03 -5.41 -24.52
C PRO A 115 -4.53 -5.42 -24.85
N VAL A 116 -5.09 -4.34 -25.36
CA VAL A 116 -6.51 -4.38 -25.71
C VAL A 116 -6.66 -5.18 -27.03
N ASN A 117 -7.76 -5.93 -27.18
CA ASN A 117 -8.03 -6.68 -28.41
C ASN A 117 -8.66 -5.65 -29.33
N VAL A 118 -7.87 -5.15 -30.28
CA VAL A 118 -8.34 -4.03 -31.11
C VAL A 118 -9.41 -4.44 -32.12
N SER A 119 -10.38 -3.54 -32.30
CA SER A 119 -11.53 -3.68 -33.19
C SER A 119 -11.67 -2.40 -34.04
N SER A 120 -12.68 -2.36 -34.92
CA SER A 120 -12.93 -1.17 -35.74
C SER A 120 -13.39 -0.02 -34.86
N HIS A 121 -14.19 -0.32 -33.81
CA HIS A 121 -14.76 0.63 -32.85
C HIS A 121 -13.78 1.06 -31.75
N VAL A 122 -12.78 0.20 -31.39
CA VAL A 122 -11.77 0.49 -30.36
C VAL A 122 -10.38 0.11 -30.88
N HIS A 123 -9.55 1.12 -31.19
CA HIS A 123 -8.18 0.87 -31.63
C HIS A 123 -7.28 2.09 -31.38
N THR A 124 -5.99 1.93 -31.70
CA THR A 124 -4.97 2.94 -31.45
C THR A 124 -4.97 4.09 -32.44
N VAL A 125 -4.34 5.19 -32.03
CA VAL A 125 -4.12 6.35 -32.89
C VAL A 125 -2.65 6.27 -33.30
N THR A 126 -2.33 6.69 -34.49
CA THR A 126 -0.95 6.71 -34.94
C THR A 126 -0.27 7.94 -34.38
N LEU A 127 0.97 7.75 -33.90
CA LEU A 127 1.79 8.84 -33.42
C LEU A 127 2.45 9.49 -34.64
N PRO A 128 2.68 10.81 -34.62
CA PRO A 128 3.26 11.46 -35.82
C PRO A 128 4.75 11.18 -36.04
N PRO A 129 5.26 11.30 -37.30
CA PRO A 129 6.72 11.23 -37.48
C PRO A 129 7.32 12.52 -36.87
N ALA A 130 8.59 12.47 -36.49
CA ALA A 130 9.29 13.58 -35.85
C ALA A 130 9.28 14.92 -36.62
N SER A 131 9.22 14.83 -37.96
CA SER A 131 9.25 15.98 -38.84
C SER A 131 7.91 16.70 -38.95
N GLU A 132 6.79 16.07 -38.50
CA GLU A 132 5.47 16.69 -38.65
C GLU A 132 5.26 17.91 -37.73
N THR A 133 5.21 19.13 -38.30
CA THR A 133 5.05 20.34 -37.48
C THR A 133 3.58 20.74 -37.22
N PHE A 134 2.62 20.14 -37.96
CA PHE A 134 1.17 20.46 -37.89
C PHE A 134 0.96 21.99 -38.05
N PRO A 135 1.27 22.56 -39.25
CA PRO A 135 1.14 24.02 -39.39
C PRO A 135 -0.32 24.49 -39.44
N PRO A 136 -0.59 25.81 -39.31
CA PRO A 136 -1.97 26.29 -39.49
C PRO A 136 -2.52 25.86 -40.86
N GLY A 137 -3.84 25.71 -40.93
CA GLY A 137 -4.55 25.25 -42.12
C GLY A 137 -4.97 23.79 -42.02
N MET A 138 -4.14 22.98 -41.35
CA MET A 138 -4.34 21.55 -41.09
C MET A 138 -5.70 21.21 -40.46
N PRO A 139 -6.43 20.16 -40.94
CA PRO A 139 -7.71 19.80 -40.30
C PRO A 139 -7.46 19.01 -39.02
N CYS A 140 -7.75 19.62 -37.86
CA CYS A 140 -7.52 19.03 -36.54
C CYS A 140 -8.75 19.07 -35.69
N TRP A 141 -8.93 18.00 -34.90
CA TRP A 141 -10.07 17.79 -34.03
C TRP A 141 -9.62 17.43 -32.62
N VAL A 142 -10.35 17.90 -31.61
CA VAL A 142 -10.09 17.56 -30.19
C VAL A 142 -11.38 16.97 -29.65
N THR A 143 -11.26 15.92 -28.84
CA THR A 143 -12.43 15.21 -28.32
C THR A 143 -12.36 15.05 -26.81
N GLY A 144 -13.52 14.83 -26.17
CA GLY A 144 -13.56 14.63 -24.74
C GLY A 144 -14.92 14.82 -24.12
N TRP A 145 -15.01 14.58 -22.81
CA TRP A 145 -16.26 14.70 -22.03
C TRP A 145 -16.20 15.89 -21.06
N GLY A 146 -15.38 16.88 -21.37
CA GLY A 146 -15.24 18.05 -20.52
C GLY A 146 -16.36 19.04 -20.65
N ASP A 147 -16.23 20.15 -19.88
CA ASP A 147 -17.12 21.30 -19.84
C ASP A 147 -17.44 21.83 -21.24
N VAL A 148 -18.68 22.32 -21.41
CA VAL A 148 -19.15 22.82 -22.70
C VAL A 148 -18.93 24.33 -22.80
N ASP A 149 -18.53 24.92 -21.67
CA ASP A 149 -18.19 26.34 -21.57
C ASP A 149 -17.49 26.61 -20.25
N ASN A 150 -17.06 27.87 -19.98
CA ASN A 150 -16.45 28.18 -18.69
C ASN A 150 -17.49 27.98 -17.60
N ASP A 151 -17.17 27.12 -16.62
CA ASP A 151 -18.03 26.77 -15.47
C ASP A 151 -19.42 26.20 -15.89
N GLU A 152 -19.46 25.44 -16.98
CA GLU A 152 -20.70 24.82 -17.49
C GLU A 152 -20.42 23.36 -17.80
N ARG A 153 -21.00 22.46 -17.02
CA ARG A 153 -20.76 21.04 -17.16
C ARG A 153 -21.40 20.49 -18.40
N LEU A 154 -20.81 19.42 -18.92
CA LEU A 154 -21.39 18.60 -19.94
C LEU A 154 -22.54 17.89 -19.18
N PRO A 155 -23.81 17.98 -19.57
CA PRO A 155 -24.95 17.39 -18.85
C PRO A 155 -25.16 15.90 -19.09
N PRO A 156 -25.79 15.14 -18.16
CA PRO A 156 -26.19 13.71 -18.32
C PRO A 156 -27.00 13.65 -19.65
N PRO A 157 -26.79 12.69 -20.59
CA PRO A 157 -26.04 11.42 -20.47
C PRO A 157 -24.53 11.48 -20.79
N PHE A 158 -23.87 12.64 -20.65
CA PHE A 158 -22.41 12.80 -20.87
C PHE A 158 -21.90 12.20 -22.22
N PRO A 159 -22.41 12.70 -23.36
CA PRO A 159 -21.96 12.16 -24.65
C PRO A 159 -20.55 12.64 -24.96
N LEU A 160 -19.76 11.79 -25.63
CA LEU A 160 -18.44 12.20 -26.04
C LEU A 160 -18.64 13.29 -27.10
N LYS A 161 -17.92 14.38 -26.98
CA LYS A 161 -18.03 15.49 -27.91
C LYS A 161 -16.77 15.64 -28.74
N GLN A 162 -16.90 16.31 -29.89
CA GLN A 162 -15.80 16.60 -30.80
C GLN A 162 -15.92 18.04 -31.28
N VAL A 163 -14.79 18.66 -31.64
CA VAL A 163 -14.78 20.00 -32.22
C VAL A 163 -13.54 20.19 -33.13
N LYS A 164 -13.75 20.76 -34.33
CA LYS A 164 -12.64 21.07 -35.23
C LYS A 164 -12.05 22.37 -34.71
N VAL A 165 -10.74 22.40 -34.49
CA VAL A 165 -10.07 23.59 -33.96
C VAL A 165 -8.97 24.09 -34.91
N PRO A 166 -8.85 25.42 -35.17
CA PRO A 166 -7.74 25.87 -36.04
C PRO A 166 -6.40 25.91 -35.28
N ILE A 167 -5.30 25.51 -35.95
CA ILE A 167 -3.93 25.55 -35.39
C ILE A 167 -3.43 26.96 -35.52
N MET A 168 -2.84 27.47 -34.45
CA MET A 168 -2.21 28.77 -34.45
C MET A 168 -0.70 28.53 -34.27
N GLU A 169 0.15 29.07 -35.18
CA GLU A 169 1.61 28.95 -35.14
C GLU A 169 2.12 29.35 -33.74
N ASN A 170 3.16 28.67 -33.23
CA ASN A 170 3.64 28.85 -31.85
C ASN A 170 4.03 30.29 -31.48
N HIS A 171 4.86 30.96 -32.29
CA HIS A 171 5.31 32.34 -32.02
C HIS A 171 4.16 33.33 -32.03
N ILE A 172 3.17 33.15 -32.94
CA ILE A 172 1.96 33.98 -33.01
C ILE A 172 1.13 33.76 -31.74
N CYS A 173 1.03 32.49 -31.32
CA CYS A 173 0.30 32.10 -30.13
C CYS A 173 0.94 32.65 -28.84
N ASP A 174 2.27 32.59 -28.72
CA ASP A 174 3.04 33.13 -27.59
C ASP A 174 2.84 34.65 -27.47
N ALA A 175 2.84 35.39 -28.60
CA ALA A 175 2.63 36.83 -28.59
C ALA A 175 1.23 37.14 -28.05
N LYS A 176 0.20 36.36 -28.45
CA LYS A 176 -1.20 36.52 -28.00
C LYS A 176 -1.36 36.33 -26.49
N TYR A 177 -0.63 35.36 -25.91
CA TYR A 177 -0.64 35.11 -24.47
C TYR A 177 0.05 36.24 -23.67
N HIS A 178 0.91 37.05 -24.33
CA HIS A 178 1.57 38.22 -23.71
C HIS A 178 0.60 39.42 -23.66
N LEU A 179 -0.47 39.42 -24.50
CA LEU A 179 -1.48 40.50 -24.53
C LEU A 179 -2.35 40.48 -23.26
N GLY A 180 -2.35 41.58 -22.53
CA GLY A 180 -3.11 41.74 -21.30
C GLY A 180 -2.56 41.00 -20.11
N ALA A 181 -1.21 40.88 -20.04
CA ALA A 181 -0.52 40.19 -18.95
C ALA A 181 0.68 41.00 -18.44
N TYR A 182 1.12 40.75 -17.20
CA TYR A 182 2.28 41.42 -16.58
C TYR A 182 3.59 40.93 -17.19
N THR A 183 3.62 39.64 -17.59
CA THR A 183 4.72 38.89 -18.21
C THR A 183 5.41 39.65 -19.35
N GLY A 184 6.73 39.71 -19.28
CA GLY A 184 7.57 40.40 -20.27
C GLY A 184 7.75 39.60 -21.54
N ASP A 185 7.95 40.32 -22.66
CA ASP A 185 8.17 39.73 -23.99
C ASP A 185 9.48 38.93 -24.03
N ASP A 186 10.37 39.22 -23.05
CA ASP A 186 11.66 38.59 -22.79
C ASP A 186 11.46 37.07 -22.52
N VAL A 187 10.49 36.71 -21.63
CA VAL A 187 10.23 35.31 -21.27
C VAL A 187 9.09 34.66 -22.08
N ARG A 188 9.33 33.41 -22.53
CA ARG A 188 8.39 32.61 -23.32
C ARG A 188 7.30 32.03 -22.44
N ILE A 189 6.06 32.08 -22.95
CA ILE A 189 4.90 31.48 -22.29
C ILE A 189 4.62 30.16 -23.04
N VAL A 190 4.47 30.21 -24.38
CA VAL A 190 4.22 29.04 -25.24
C VAL A 190 5.60 28.53 -25.71
N ARG A 191 5.97 27.32 -25.30
CA ARG A 191 7.30 26.73 -25.59
C ARG A 191 7.29 25.72 -26.75
N ASP A 192 8.50 25.27 -27.16
CA ASP A 192 8.72 24.31 -28.25
C ASP A 192 8.00 22.97 -28.05
N ASP A 193 7.82 22.54 -26.80
CA ASP A 193 7.12 21.29 -26.46
C ASP A 193 5.59 21.50 -26.40
N MET A 194 5.10 22.67 -26.87
CA MET A 194 3.67 23.01 -26.89
C MET A 194 3.17 23.31 -28.29
N LEU A 195 1.85 23.23 -28.46
CA LEU A 195 1.16 23.48 -29.72
C LEU A 195 -0.13 24.23 -29.36
N CYS A 196 -0.54 25.18 -30.22
CA CYS A 196 -1.71 26.00 -30.00
C CYS A 196 -2.82 25.70 -30.94
N ALA A 197 -4.04 25.60 -30.42
CA ALA A 197 -5.20 25.36 -31.27
C ALA A 197 -6.45 25.87 -30.59
N GLY A 198 -7.39 26.35 -31.40
CA GLY A 198 -8.69 26.80 -30.91
C GLY A 198 -8.95 28.27 -31.10
N ASN A 199 -10.21 28.66 -30.92
CA ASN A 199 -10.57 30.08 -31.00
C ASN A 199 -11.68 30.35 -30.00
N THR A 200 -12.38 31.48 -30.18
CA THR A 200 -13.44 31.93 -29.28
C THR A 200 -14.74 31.14 -29.40
N ARG A 201 -14.85 30.26 -30.41
CA ARG A 201 -16.06 29.44 -30.59
C ARG A 201 -15.77 27.94 -30.41
N ARG A 202 -14.52 27.54 -30.55
CA ARG A 202 -14.10 26.13 -30.56
C ARG A 202 -12.88 25.89 -29.68
N ASP A 203 -12.97 25.00 -28.67
CA ASP A 203 -11.85 24.72 -27.77
C ASP A 203 -12.11 23.49 -26.89
N SER A 204 -11.03 22.95 -26.30
CA SER A 204 -11.12 21.90 -25.27
C SER A 204 -11.37 22.71 -23.98
N CYS A 205 -11.83 22.06 -22.88
CA CYS A 205 -12.11 22.76 -21.61
C CYS A 205 -11.85 21.81 -20.40
N GLN A 206 -12.13 22.24 -19.15
CA GLN A 206 -11.86 21.40 -17.98
C GLN A 206 -12.57 20.03 -18.10
N GLY A 207 -11.83 18.95 -17.88
CA GLY A 207 -12.38 17.59 -18.00
C GLY A 207 -11.92 16.95 -19.30
N ASP A 208 -11.41 17.77 -20.23
CA ASP A 208 -10.88 17.30 -21.50
C ASP A 208 -9.37 16.98 -21.40
N SER A 209 -8.67 17.55 -20.39
CA SER A 209 -7.22 17.39 -20.12
C SER A 209 -6.79 15.97 -20.31
N GLY A 210 -5.61 15.79 -20.90
CA GLY A 210 -5.04 14.45 -21.12
C GLY A 210 -5.49 13.81 -22.41
N GLY A 211 -6.62 14.30 -22.94
CA GLY A 211 -7.24 13.81 -24.17
C GLY A 211 -6.52 14.18 -25.45
N PRO A 212 -6.90 13.54 -26.58
CA PRO A 212 -6.18 13.77 -27.84
C PRO A 212 -6.58 14.95 -28.73
N LEU A 213 -5.57 15.53 -29.38
CA LEU A 213 -5.76 16.50 -30.44
C LEU A 213 -5.23 15.73 -31.67
N VAL A 214 -6.12 15.46 -32.63
CA VAL A 214 -5.74 14.66 -33.80
C VAL A 214 -5.91 15.43 -35.11
N CYS A 215 -4.99 15.21 -36.06
CA CYS A 215 -5.02 15.88 -37.36
C CYS A 215 -4.98 14.82 -38.46
N LYS A 216 -5.75 15.00 -39.56
CA LYS A 216 -5.72 14.05 -40.68
C LYS A 216 -4.61 14.49 -41.63
N VAL A 217 -3.62 13.62 -41.84
CA VAL A 217 -2.44 13.91 -42.67
C VAL A 217 -2.27 12.73 -43.63
N ASN A 218 -2.32 12.99 -44.96
CA ASN A 218 -2.18 12.00 -46.03
C ASN A 218 -3.06 10.77 -45.82
N GLY A 219 -4.33 11.01 -45.50
CA GLY A 219 -5.30 9.95 -45.24
C GLY A 219 -5.29 9.32 -43.86
N THR A 220 -4.26 9.61 -43.02
CA THR A 220 -4.15 9.01 -41.69
C THR A 220 -4.23 10.03 -40.54
N TRP A 221 -4.98 9.66 -39.48
CA TRP A 221 -5.16 10.48 -38.31
C TRP A 221 -3.92 10.33 -37.44
N LEU A 222 -3.28 11.46 -37.15
CA LEU A 222 -2.06 11.51 -36.33
C LEU A 222 -2.37 12.27 -35.03
N GLN A 223 -1.88 11.80 -33.87
CA GLN A 223 -2.07 12.57 -32.63
C GLN A 223 -1.04 13.68 -32.54
N ALA A 224 -1.49 14.93 -32.73
CA ALA A 224 -0.63 16.11 -32.70
C ALA A 224 -0.34 16.58 -31.30
N GLY A 225 -1.35 16.55 -30.43
CA GLY A 225 -1.20 17.06 -29.08
C GLY A 225 -2.01 16.36 -28.01
N VAL A 226 -1.76 16.73 -26.76
CA VAL A 226 -2.44 16.21 -25.57
C VAL A 226 -3.07 17.44 -24.94
N VAL A 227 -4.39 17.44 -24.63
CA VAL A 227 -5.03 18.62 -23.97
C VAL A 227 -4.24 18.92 -22.67
N SER A 228 -3.75 20.13 -22.54
CA SER A 228 -2.90 20.49 -21.40
C SER A 228 -3.44 21.67 -20.58
N TRP A 229 -3.30 22.89 -21.09
CA TRP A 229 -3.72 24.05 -20.33
C TRP A 229 -4.26 25.18 -21.24
N GLY A 230 -4.64 26.26 -20.60
CA GLY A 230 -5.08 27.51 -21.25
C GLY A 230 -5.51 28.51 -20.19
N GLU A 231 -5.91 29.71 -20.61
CA GLU A 231 -6.50 30.64 -19.65
C GLU A 231 -7.98 30.62 -19.95
N GLY A 232 -8.74 29.98 -19.08
CA GLY A 232 -10.16 29.74 -19.29
C GLY A 232 -10.34 28.85 -20.51
N CYS A 233 -11.51 28.91 -21.15
CA CYS A 233 -11.81 28.13 -22.35
C CYS A 233 -12.42 29.07 -23.36
N ALA A 234 -11.96 28.98 -24.62
CA ALA A 234 -12.47 29.75 -25.75
C ALA A 234 -12.43 31.28 -25.51
N GLN A 235 -11.44 31.77 -24.71
CA GLN A 235 -11.31 33.19 -24.37
C GLN A 235 -10.49 33.96 -25.42
N PRO A 236 -10.82 35.26 -25.70
CA PRO A 236 -10.03 36.03 -26.69
C PRO A 236 -8.56 36.09 -26.35
N ASN A 237 -7.69 35.91 -27.37
CA ASN A 237 -6.22 35.92 -27.29
C ASN A 237 -5.65 34.82 -26.38
N ARG A 238 -6.50 33.82 -26.06
CA ARG A 238 -6.15 32.68 -25.22
C ARG A 238 -6.50 31.32 -25.86
N PRO A 239 -5.87 30.92 -27.00
CA PRO A 239 -6.17 29.60 -27.58
C PRO A 239 -5.71 28.45 -26.69
N GLY A 240 -6.35 27.28 -26.82
CA GLY A 240 -5.97 26.09 -26.07
C GLY A 240 -4.53 25.70 -26.36
N ILE A 241 -3.82 25.27 -25.30
CA ILE A 241 -2.42 24.86 -25.36
C ILE A 241 -2.39 23.38 -25.10
N TYR A 242 -1.63 22.67 -25.94
CA TYR A 242 -1.49 21.22 -25.94
C TYR A 242 -0.03 20.88 -25.84
N THR A 243 0.30 19.72 -25.31
CA THR A 243 1.68 19.21 -25.30
C THR A 243 1.92 18.72 -26.74
N ARG A 244 3.03 19.12 -27.36
CA ARG A 244 3.33 18.71 -28.72
C ARG A 244 3.90 17.28 -28.68
N VAL A 245 3.15 16.31 -29.22
CA VAL A 245 3.56 14.89 -29.19
C VAL A 245 4.94 14.66 -29.82
N THR A 246 5.25 15.25 -31.03
CA THR A 246 6.55 15.05 -31.69
C THR A 246 7.71 15.35 -30.78
N TYR A 247 7.59 16.36 -29.93
CA TYR A 247 8.68 16.74 -29.04
C TYR A 247 9.06 15.59 -28.11
N TYR A 248 8.06 14.77 -27.70
CA TYR A 248 8.21 13.70 -26.71
C TYR A 248 8.31 12.29 -27.25
N LEU A 249 8.49 12.13 -28.56
CA LEU A 249 8.54 10.81 -29.20
C LEU A 249 9.64 9.92 -28.63
N ASP A 250 10.86 10.46 -28.44
CA ASP A 250 12.00 9.70 -27.91
C ASP A 250 11.76 9.23 -26.49
N TRP A 251 11.08 10.08 -25.67
CA TRP A 251 10.71 9.68 -24.32
C TRP A 251 9.64 8.59 -24.38
N ILE A 252 8.57 8.78 -25.18
CA ILE A 252 7.49 7.78 -25.35
C ILE A 252 8.09 6.43 -25.79
N HIS A 253 9.01 6.46 -26.76
CA HIS A 253 9.64 5.24 -27.28
C HIS A 253 10.63 4.59 -26.33
N HIS A 254 10.93 5.22 -25.19
CA HIS A 254 11.80 4.53 -24.22
C HIS A 254 10.92 3.45 -23.50
N TYR A 255 9.57 3.58 -23.58
CA TYR A 255 8.59 2.67 -22.91
C TYR A 255 7.65 1.93 -23.87
N VAL A 256 7.13 2.65 -24.89
CA VAL A 256 6.14 2.15 -25.84
C VAL A 256 6.80 1.51 -27.04
N PRO A 257 6.59 0.20 -27.29
CA PRO A 257 7.17 -0.42 -28.50
C PRO A 257 6.75 0.32 -29.78
N LYS A 258 7.71 0.59 -30.68
CA LYS A 258 7.51 1.30 -31.96
C LYS A 258 6.59 0.57 -32.96
N GLU B 1 -16.44 -24.37 -3.72
CA GLU B 1 -15.73 -23.53 -2.75
C GLU B 1 -14.47 -22.91 -3.40
N VAL B 2 -14.27 -21.59 -3.29
CA VAL B 2 -13.07 -20.95 -3.83
C VAL B 2 -11.84 -21.52 -3.10
N GLN B 3 -10.90 -22.08 -3.84
CA GLN B 3 -9.74 -22.72 -3.24
C GLN B 3 -8.46 -22.58 -4.09
N LEU B 4 -7.30 -22.59 -3.41
CA LEU B 4 -5.96 -22.60 -4.00
C LEU B 4 -5.17 -23.65 -3.28
N VAL B 5 -4.54 -24.57 -4.04
CA VAL B 5 -3.77 -25.67 -3.42
C VAL B 5 -2.36 -25.70 -3.99
N GLU B 6 -1.38 -25.36 -3.20
CA GLU B 6 -0.01 -25.39 -3.63
C GLU B 6 0.58 -26.78 -3.53
N SER B 7 1.55 -27.08 -4.37
CA SER B 7 2.24 -28.33 -4.38
C SER B 7 3.60 -28.18 -5.01
N GLY B 8 4.44 -29.18 -4.83
CA GLY B 8 5.77 -29.17 -5.36
C GLY B 8 6.90 -28.77 -4.47
N GLY B 9 6.62 -28.44 -3.23
CA GLY B 9 7.67 -28.07 -2.32
C GLY B 9 8.43 -29.29 -1.84
N GLY B 10 9.57 -29.06 -1.25
CA GLY B 10 10.36 -30.13 -0.71
C GLY B 10 11.77 -29.70 -0.50
N LEU B 11 12.61 -30.67 -0.21
CA LEU B 11 14.02 -30.43 -0.04
C LEU B 11 14.78 -30.37 -1.35
N VAL B 12 15.63 -29.36 -1.49
CA VAL B 12 16.41 -29.13 -2.71
C VAL B 12 17.80 -28.70 -2.27
N GLN B 13 18.82 -29.10 -3.02
CA GLN B 13 20.21 -28.73 -2.73
C GLN B 13 20.45 -27.25 -3.14
N PRO B 14 21.37 -26.53 -2.47
CA PRO B 14 21.71 -25.16 -2.91
C PRO B 14 22.25 -25.20 -4.35
N GLY B 15 21.76 -24.30 -5.20
CA GLY B 15 22.07 -24.24 -6.63
C GLY B 15 21.07 -25.01 -7.48
N GLY B 16 20.15 -25.71 -6.81
CA GLY B 16 19.11 -26.51 -7.44
C GLY B 16 17.93 -25.72 -8.00
N SER B 17 17.03 -26.43 -8.65
CA SER B 17 15.85 -25.88 -9.31
C SER B 17 14.59 -26.59 -8.81
N LEU B 18 13.49 -25.87 -8.81
CA LEU B 18 12.23 -26.42 -8.34
C LEU B 18 11.08 -25.70 -9.00
N ARG B 19 10.03 -26.43 -9.37
CA ARG B 19 8.86 -25.79 -9.94
C ARG B 19 7.67 -26.03 -9.02
N LEU B 20 7.07 -24.93 -8.55
CA LEU B 20 5.91 -25.01 -7.68
C LEU B 20 4.69 -24.82 -8.51
N SER B 21 3.61 -25.43 -8.10
CA SER B 21 2.38 -25.28 -8.85
C SER B 21 1.30 -24.99 -7.82
N CYS B 22 0.26 -24.30 -8.25
CA CYS B 22 -0.86 -23.96 -7.40
C CYS B 22 -2.12 -24.22 -8.20
N ALA B 23 -2.96 -25.18 -7.75
CA ALA B 23 -4.20 -25.54 -8.43
C ALA B 23 -5.37 -24.69 -7.92
N ALA B 24 -6.03 -23.94 -8.82
CA ALA B 24 -7.14 -23.06 -8.48
C ALA B 24 -8.46 -23.75 -8.77
N SER B 25 -9.50 -23.50 -7.94
CA SER B 25 -10.82 -24.04 -8.17
C SER B 25 -11.90 -23.14 -7.58
N GLY B 26 -13.11 -23.22 -8.11
CA GLY B 26 -14.26 -22.46 -7.63
C GLY B 26 -14.45 -21.04 -8.14
N PHE B 27 -13.59 -20.57 -9.08
CA PHE B 27 -13.71 -19.22 -9.65
C PHE B 27 -13.18 -19.19 -11.09
N THR B 28 -13.46 -18.14 -11.87
CA THR B 28 -12.91 -18.17 -13.23
C THR B 28 -11.52 -17.59 -13.12
N PHE B 29 -10.55 -18.50 -13.01
CA PHE B 29 -9.12 -18.25 -12.86
C PHE B 29 -8.56 -17.21 -13.83
N SER B 30 -8.98 -17.28 -15.11
CA SER B 30 -8.48 -16.39 -16.17
C SER B 30 -8.89 -14.93 -16.04
N ASP B 31 -9.76 -14.61 -15.07
CA ASP B 31 -10.17 -13.23 -14.80
C ASP B 31 -9.28 -12.55 -13.73
N TYR B 32 -8.36 -13.32 -13.08
CA TYR B 32 -7.64 -12.81 -11.91
C TYR B 32 -6.13 -12.66 -12.00
N GLY B 33 -5.65 -11.61 -11.35
CA GLY B 33 -4.24 -11.40 -11.07
C GLY B 33 -3.92 -12.35 -9.93
N MET B 34 -2.72 -12.98 -10.02
CA MET B 34 -2.34 -14.00 -9.04
C MET B 34 -0.97 -13.67 -8.54
N VAL B 35 -0.68 -14.01 -7.25
CA VAL B 35 0.63 -13.71 -6.71
C VAL B 35 1.20 -14.85 -5.82
N TRP B 36 2.54 -14.83 -5.69
CA TRP B 36 3.27 -15.69 -4.78
C TRP B 36 3.80 -14.81 -3.68
N VAL B 37 3.71 -15.33 -2.44
CA VAL B 37 4.20 -14.69 -1.20
C VAL B 37 4.91 -15.82 -0.45
N ARG B 38 6.09 -15.56 0.12
CA ARG B 38 6.78 -16.59 0.90
C ARG B 38 6.98 -16.15 2.37
N GLN B 39 7.24 -17.11 3.24
CA GLN B 39 7.42 -16.81 4.65
C GLN B 39 8.47 -17.76 5.21
N ALA B 40 9.68 -17.23 5.49
CA ALA B 40 10.76 -18.02 6.06
C ALA B 40 10.32 -18.48 7.45
N PRO B 41 10.77 -19.68 7.91
CA PRO B 41 10.33 -20.16 9.24
C PRO B 41 10.54 -19.12 10.37
N GLY B 42 9.47 -18.79 11.08
CA GLY B 42 9.51 -17.78 12.14
C GLY B 42 9.66 -16.32 11.72
N LYS B 43 9.53 -16.03 10.41
CA LYS B 43 9.69 -14.67 9.88
C LYS B 43 8.38 -14.17 9.28
N GLY B 44 8.41 -13.01 8.64
CA GLY B 44 7.19 -12.41 8.11
C GLY B 44 6.94 -12.74 6.67
N LEU B 45 5.82 -12.26 6.16
CA LEU B 45 5.44 -12.39 4.77
C LEU B 45 6.37 -11.57 3.88
N GLU B 46 6.80 -12.16 2.77
CA GLU B 46 7.64 -11.53 1.79
C GLU B 46 7.02 -11.73 0.42
N TRP B 47 6.60 -10.65 -0.24
CA TRP B 47 6.04 -10.74 -1.61
C TRP B 47 7.12 -11.27 -2.56
N VAL B 48 6.72 -12.19 -3.46
CA VAL B 48 7.60 -12.83 -4.43
C VAL B 48 7.35 -12.34 -5.82
N ALA B 49 6.07 -12.45 -6.30
CA ALA B 49 5.79 -12.14 -7.69
C ALA B 49 4.31 -11.93 -7.94
N PHE B 50 4.00 -11.34 -9.08
CA PHE B 50 2.65 -11.08 -9.53
C PHE B 50 2.56 -11.41 -11.00
N ILE B 51 1.40 -11.91 -11.45
CA ILE B 51 1.07 -12.19 -12.84
C ILE B 51 -0.39 -11.78 -13.16
N SER B 52 -0.57 -11.02 -14.24
CA SER B 52 -1.90 -10.57 -14.64
C SER B 52 -2.68 -11.72 -15.21
N SER B 53 -4.01 -11.60 -15.22
CA SER B 53 -4.97 -12.58 -15.74
C SER B 53 -4.55 -13.25 -17.04
N GLY B 54 -4.08 -12.46 -18.01
CA GLY B 54 -3.70 -12.97 -19.34
C GLY B 54 -2.21 -13.16 -19.55
N SER B 55 -1.39 -13.12 -18.45
CA SER B 55 0.09 -13.32 -18.46
C SER B 55 0.92 -12.24 -19.11
N SER B 56 0.29 -11.15 -19.62
CA SER B 56 1.09 -10.10 -20.28
C SER B 56 1.93 -9.31 -19.32
N THR B 57 1.53 -9.25 -18.05
CA THR B 57 2.23 -8.47 -17.02
C THR B 57 2.72 -9.39 -15.89
N VAL B 58 4.04 -9.32 -15.65
CA VAL B 58 4.73 -10.05 -14.57
C VAL B 58 5.65 -9.06 -13.81
N TYR B 59 5.69 -9.16 -12.47
CA TYR B 59 6.61 -8.37 -11.64
C TYR B 59 7.16 -9.26 -10.51
N TYR B 60 8.38 -8.97 -10.06
CA TYR B 60 9.11 -9.70 -9.05
C TYR B 60 9.74 -8.78 -8.00
N ALA B 61 9.97 -9.30 -6.80
CA ALA B 61 10.70 -8.66 -5.73
C ALA B 61 12.16 -8.60 -6.22
N ASP B 62 12.93 -7.60 -5.78
CA ASP B 62 14.33 -7.41 -6.20
C ASP B 62 15.23 -8.62 -5.99
N THR B 63 15.13 -9.26 -4.82
CA THR B 63 16.04 -10.38 -4.50
C THR B 63 15.71 -11.71 -5.22
N MET B 64 14.57 -11.79 -5.97
CA MET B 64 14.19 -13.03 -6.69
C MET B 64 14.06 -12.85 -8.18
N LYS B 65 14.16 -11.60 -8.67
CA LYS B 65 14.06 -11.31 -10.09
C LYS B 65 15.20 -12.05 -10.83
N GLY B 66 14.85 -12.63 -11.98
CA GLY B 66 15.76 -13.37 -12.84
C GLY B 66 15.72 -14.84 -12.52
N ARG B 67 16.07 -15.19 -11.26
CA ARG B 67 16.12 -16.55 -10.75
C ARG B 67 14.76 -17.21 -10.66
N PHE B 68 13.69 -16.43 -10.36
CA PHE B 68 12.33 -16.95 -10.26
C PHE B 68 11.51 -16.53 -11.45
N THR B 69 10.63 -17.40 -11.94
CA THR B 69 9.76 -17.10 -13.06
C THR B 69 8.34 -17.48 -12.71
N ILE B 70 7.42 -16.52 -12.80
CA ILE B 70 6.00 -16.77 -12.54
C ILE B 70 5.31 -17.00 -13.88
N SER B 71 4.46 -18.02 -13.95
CA SER B 71 3.67 -18.26 -15.15
C SER B 71 2.35 -18.87 -14.71
N ARG B 72 1.44 -19.04 -15.65
CA ARG B 72 0.13 -19.64 -15.40
C ARG B 72 -0.35 -20.37 -16.66
N ASP B 73 -1.30 -21.29 -16.49
CA ASP B 73 -1.90 -21.99 -17.60
C ASP B 73 -3.37 -21.93 -17.31
N ASN B 74 -4.06 -20.97 -17.95
CA ASN B 74 -5.47 -20.70 -17.71
C ASN B 74 -6.38 -21.89 -18.09
N SER B 75 -6.01 -22.69 -19.10
CA SER B 75 -6.77 -23.89 -19.47
C SER B 75 -6.67 -24.98 -18.40
N LYS B 76 -5.63 -24.92 -17.54
CA LYS B 76 -5.42 -25.87 -16.46
C LYS B 76 -5.73 -25.30 -15.10
N ASN B 77 -6.17 -24.00 -15.00
CA ASN B 77 -6.45 -23.31 -13.73
C ASN B 77 -5.27 -23.43 -12.79
N THR B 78 -4.05 -23.31 -13.32
CA THR B 78 -2.86 -23.53 -12.50
C THR B 78 -1.92 -22.34 -12.59
N LEU B 79 -1.33 -21.98 -11.46
CA LEU B 79 -0.32 -20.94 -11.33
C LEU B 79 1.01 -21.70 -11.05
N TYR B 80 2.12 -21.24 -11.62
CA TYR B 80 3.43 -21.86 -11.42
C TYR B 80 4.48 -20.89 -10.90
N LEU B 81 5.49 -21.44 -10.22
CA LEU B 81 6.66 -20.66 -9.81
C LEU B 81 7.90 -21.47 -10.12
N GLN B 82 8.68 -21.02 -11.11
CA GLN B 82 9.91 -21.68 -11.45
C GLN B 82 11.02 -21.05 -10.63
N MET B 83 11.67 -21.84 -9.79
CA MET B 83 12.72 -21.34 -8.91
C MET B 83 14.03 -21.99 -9.31
N ASN B 84 15.03 -21.19 -9.71
CA ASN B 84 16.36 -21.67 -10.13
C ASN B 84 17.43 -21.06 -9.26
N SER B 85 18.65 -21.66 -9.28
CA SER B 85 19.82 -21.19 -8.53
C SER B 85 19.42 -20.96 -7.05
N LEU B 86 18.71 -21.95 -6.48
CA LEU B 86 18.18 -21.84 -5.12
C LEU B 86 19.26 -21.70 -4.05
N ARG B 87 18.99 -20.86 -3.05
CA ARG B 87 19.91 -20.55 -1.96
C ARG B 87 19.23 -20.88 -0.65
N ALA B 88 20.04 -21.01 0.43
CA ALA B 88 19.56 -21.29 1.80
C ALA B 88 18.49 -20.29 2.23
N GLU B 89 18.68 -19.00 1.85
CA GLU B 89 17.74 -17.92 2.18
C GLU B 89 16.39 -18.03 1.46
N ASP B 90 16.25 -18.97 0.50
CA ASP B 90 14.95 -19.16 -0.14
C ASP B 90 14.05 -20.11 0.63
N THR B 91 14.60 -20.77 1.67
CA THR B 91 13.85 -21.69 2.55
C THR B 91 12.66 -20.91 3.10
N ALA B 92 11.43 -21.40 2.85
CA ALA B 92 10.19 -20.74 3.28
C ALA B 92 9.01 -21.56 2.90
N VAL B 93 7.86 -21.18 3.43
CA VAL B 93 6.58 -21.70 2.97
C VAL B 93 6.20 -20.74 1.84
N TYR B 94 5.84 -21.28 0.67
CA TYR B 94 5.42 -20.46 -0.48
C TYR B 94 3.94 -20.57 -0.58
N TYR B 95 3.30 -19.43 -0.52
CA TYR B 95 1.86 -19.23 -0.63
C TYR B 95 1.48 -18.68 -1.98
N CYS B 96 0.41 -19.23 -2.51
CA CYS B 96 -0.28 -18.85 -3.71
C CYS B 96 -1.47 -18.00 -3.21
N THR B 97 -1.72 -16.81 -3.78
CA THR B 97 -2.83 -15.96 -3.35
C THR B 97 -3.46 -15.19 -4.53
N ARG B 98 -4.78 -14.98 -4.45
CA ARG B 98 -5.58 -14.34 -5.48
C ARG B 98 -5.79 -12.86 -5.14
N ARG B 99 -5.62 -11.98 -6.14
CA ARG B 99 -5.88 -10.56 -5.98
C ARG B 99 -7.39 -10.32 -6.19
N ASN B 100 -8.08 -9.80 -5.15
CA ASN B 100 -9.50 -9.47 -5.19
C ASN B 100 -9.79 -8.60 -6.44
N TYR B 101 -10.78 -8.96 -7.21
CA TYR B 101 -11.05 -8.28 -8.47
C TYR B 101 -11.37 -6.79 -8.31
N ASP B 102 -12.30 -6.44 -7.42
CA ASP B 102 -12.69 -5.06 -7.22
C ASP B 102 -11.72 -4.27 -6.38
N ASP B 103 -11.12 -4.87 -5.33
CA ASP B 103 -10.39 -4.06 -4.39
C ASP B 103 -8.92 -4.39 -4.18
N TRP B 104 -8.41 -5.39 -4.89
CA TRP B 104 -6.99 -5.74 -4.99
C TRP B 104 -6.31 -6.28 -3.75
N TYR B 105 -7.05 -6.54 -2.68
CA TYR B 105 -6.44 -7.21 -1.53
C TYR B 105 -6.32 -8.73 -1.83
N PHE B 106 -5.37 -9.42 -1.19
CA PHE B 106 -5.22 -10.85 -1.42
C PHE B 106 -6.28 -11.55 -0.59
N ASP B 107 -7.39 -11.98 -1.26
CA ASP B 107 -8.55 -12.51 -0.54
C ASP B 107 -8.58 -14.04 -0.31
N VAL B 108 -7.96 -14.84 -1.18
CA VAL B 108 -7.88 -16.32 -1.06
C VAL B 108 -6.40 -16.69 -1.05
N TRP B 109 -5.99 -17.55 -0.12
CA TRP B 109 -4.61 -18.02 0.03
C TRP B 109 -4.67 -19.49 0.13
N GLY B 110 -3.67 -20.19 -0.42
CA GLY B 110 -3.59 -21.63 -0.25
C GLY B 110 -2.97 -21.94 1.10
N GLN B 111 -2.87 -23.22 1.46
CA GLN B 111 -2.27 -23.68 2.72
C GLN B 111 -0.73 -23.48 2.74
N GLY B 112 -0.11 -23.33 1.57
CA GLY B 112 1.32 -23.11 1.39
C GLY B 112 2.12 -24.39 1.20
N THR B 113 3.28 -24.31 0.57
CA THR B 113 4.14 -25.49 0.36
C THR B 113 5.55 -25.16 0.84
N LEU B 114 6.10 -25.99 1.73
CA LEU B 114 7.42 -25.75 2.33
C LEU B 114 8.56 -26.09 1.39
N VAL B 115 9.49 -25.18 1.19
CA VAL B 115 10.68 -25.43 0.36
C VAL B 115 11.86 -25.28 1.32
N THR B 116 12.72 -26.33 1.40
CA THR B 116 13.92 -26.36 2.23
C THR B 116 15.14 -26.47 1.34
N VAL B 117 15.98 -25.44 1.35
CA VAL B 117 17.18 -25.40 0.52
C VAL B 117 18.37 -25.74 1.42
N SER B 118 18.87 -26.97 1.28
CA SER B 118 19.95 -27.50 2.14
C SER B 118 20.65 -28.66 1.49
N SER B 119 21.95 -28.82 1.82
CA SER B 119 22.74 -29.94 1.34
C SER B 119 22.73 -31.09 2.35
N ALA B 120 22.02 -30.90 3.48
CA ALA B 120 21.90 -31.93 4.52
C ALA B 120 20.96 -33.03 4.03
N SER B 121 21.17 -34.26 4.49
CA SER B 121 20.40 -35.43 4.06
C SER B 121 19.09 -35.62 4.78
N THR B 122 18.09 -36.20 4.08
CA THR B 122 16.83 -36.56 4.72
C THR B 122 17.14 -37.72 5.68
N LYS B 123 16.54 -37.67 6.87
CA LYS B 123 16.65 -38.69 7.91
C LYS B 123 15.34 -38.77 8.68
N GLY B 124 14.84 -39.99 8.87
CA GLY B 124 13.61 -40.26 9.60
C GLY B 124 13.87 -40.23 11.10
N PRO B 125 12.85 -39.90 11.93
CA PRO B 125 13.10 -39.81 13.38
C PRO B 125 13.08 -41.13 14.13
N SER B 126 13.67 -41.11 15.33
CA SER B 126 13.66 -42.19 16.31
C SER B 126 12.68 -41.74 17.39
N VAL B 127 11.70 -42.59 17.73
CA VAL B 127 10.67 -42.25 18.70
C VAL B 127 10.90 -42.99 20.02
N PHE B 128 11.05 -42.23 21.10
CA PHE B 128 11.27 -42.76 22.45
C PHE B 128 10.15 -42.35 23.38
N PRO B 129 9.68 -43.25 24.29
CA PRO B 129 8.59 -42.85 25.18
C PRO B 129 9.04 -41.95 26.32
N LEU B 130 8.13 -41.09 26.79
CA LEU B 130 8.30 -40.27 27.96
C LEU B 130 7.25 -40.89 28.89
N ALA B 131 7.65 -41.96 29.58
CA ALA B 131 6.80 -42.76 30.45
C ALA B 131 6.24 -41.99 31.65
N PRO B 132 4.94 -42.18 32.01
CA PRO B 132 4.41 -41.46 33.19
C PRO B 132 5.00 -41.96 34.52
N SER B 133 5.05 -41.08 35.54
CA SER B 133 5.53 -41.34 36.91
C SER B 133 6.98 -41.86 36.96
N GLY B 139 -3.58 -40.56 43.02
CA GLY B 139 -4.59 -39.93 42.16
C GLY B 139 -4.07 -38.70 41.44
N GLY B 140 -5.00 -37.84 41.01
CA GLY B 140 -4.70 -36.59 40.33
C GLY B 140 -4.43 -36.67 38.84
N THR B 141 -3.39 -35.95 38.39
CA THR B 141 -3.03 -35.84 36.97
C THR B 141 -1.59 -36.28 36.68
N ALA B 142 -1.42 -37.13 35.66
CA ALA B 142 -0.13 -37.63 35.20
C ALA B 142 0.21 -37.07 33.83
N ALA B 143 1.50 -36.85 33.55
CA ALA B 143 1.94 -36.40 32.22
C ALA B 143 2.81 -37.48 31.56
N LEU B 144 2.60 -37.68 30.27
CA LEU B 144 3.38 -38.63 29.48
C LEU B 144 3.60 -38.07 28.08
N GLY B 145 4.48 -38.68 27.32
CA GLY B 145 4.74 -38.19 25.98
C GLY B 145 5.61 -39.08 25.10
N CYS B 146 6.09 -38.47 24.03
CA CYS B 146 6.96 -39.09 23.04
C CYS B 146 8.04 -38.10 22.65
N LEU B 147 9.27 -38.58 22.61
CA LEU B 147 10.44 -37.84 22.20
C LEU B 147 10.72 -38.22 20.74
N VAL B 148 10.61 -37.24 19.83
CA VAL B 148 10.81 -37.40 18.40
C VAL B 148 12.19 -36.84 18.05
N LYS B 149 13.19 -37.72 18.05
CA LYS B 149 14.61 -37.41 17.89
C LYS B 149 15.25 -37.68 16.53
N ASP B 150 16.11 -36.73 16.13
CA ASP B 150 17.03 -36.76 14.99
C ASP B 150 16.38 -36.94 13.61
N TYR B 151 15.68 -35.89 13.17
CA TYR B 151 15.09 -35.94 11.83
C TYR B 151 15.46 -34.74 11.00
N PHE B 152 15.28 -34.86 9.68
CA PHE B 152 15.52 -33.78 8.74
C PHE B 152 14.87 -34.10 7.41
N PRO B 153 14.25 -33.10 6.75
CA PRO B 153 13.96 -31.74 7.23
C PRO B 153 12.65 -31.73 8.03
N GLU B 154 12.15 -30.53 8.35
CA GLU B 154 10.84 -30.32 8.94
C GLU B 154 9.83 -30.59 7.81
N PRO B 155 8.56 -30.93 8.10
CA PRO B 155 7.94 -31.06 9.42
C PRO B 155 7.67 -32.50 9.88
N VAL B 156 7.42 -32.64 11.18
CA VAL B 156 6.99 -33.87 11.84
C VAL B 156 5.56 -33.57 12.38
N THR B 157 4.67 -34.55 12.28
CA THR B 157 3.30 -34.45 12.77
C THR B 157 3.11 -35.47 13.91
N VAL B 158 2.44 -35.07 15.00
CA VAL B 158 2.17 -35.99 16.11
C VAL B 158 0.70 -35.95 16.49
N SER B 159 0.08 -37.12 16.61
CA SER B 159 -1.29 -37.29 17.09
C SER B 159 -1.26 -38.34 18.22
N TRP B 160 -2.31 -38.40 19.06
CA TRP B 160 -2.41 -39.38 20.13
C TRP B 160 -3.66 -40.25 19.92
N ASN B 161 -3.49 -41.57 20.07
CA ASN B 161 -4.53 -42.58 19.90
C ASN B 161 -5.33 -42.39 18.58
N SER B 162 -4.58 -42.14 17.47
CA SER B 162 -5.09 -41.94 16.12
C SER B 162 -6.14 -40.79 16.02
N GLY B 163 -5.88 -39.72 16.77
CA GLY B 163 -6.73 -38.53 16.79
C GLY B 163 -7.82 -38.53 17.85
N ALA B 164 -8.05 -39.68 18.53
CA ALA B 164 -9.07 -39.80 19.57
C ALA B 164 -8.69 -39.12 20.91
N LEU B 165 -7.40 -38.77 21.08
CA LEU B 165 -6.89 -38.04 22.25
C LEU B 165 -6.26 -36.73 21.78
N THR B 166 -6.95 -35.61 22.02
CA THR B 166 -6.55 -34.24 21.66
C THR B 166 -6.49 -33.31 22.87
N SER B 167 -7.26 -33.63 23.93
CA SER B 167 -7.34 -32.80 25.13
C SER B 167 -6.10 -32.95 26.00
N GLY B 168 -5.47 -31.81 26.30
CA GLY B 168 -4.27 -31.74 27.13
C GLY B 168 -2.98 -32.04 26.38
N VAL B 169 -3.05 -32.16 25.04
CA VAL B 169 -1.88 -32.45 24.20
C VAL B 169 -1.10 -31.15 23.94
N HIS B 170 0.23 -31.21 24.09
CA HIS B 170 1.11 -30.11 23.70
C HIS B 170 2.22 -30.71 22.84
N THR B 171 2.31 -30.29 21.59
CA THR B 171 3.38 -30.75 20.70
C THR B 171 4.32 -29.54 20.53
N PHE B 172 5.55 -29.67 21.03
CA PHE B 172 6.49 -28.58 21.00
C PHE B 172 7.05 -28.23 19.60
N PRO B 173 7.31 -26.93 19.29
CA PRO B 173 8.00 -26.61 18.03
C PRO B 173 9.35 -27.34 18.08
N ALA B 174 9.85 -27.81 16.95
CA ALA B 174 11.12 -28.52 16.94
C ALA B 174 12.27 -27.58 17.20
N VAL B 175 13.35 -28.13 17.73
CA VAL B 175 14.57 -27.37 17.96
C VAL B 175 15.64 -28.03 17.07
N LEU B 176 16.50 -27.22 16.48
CA LEU B 176 17.61 -27.63 15.61
C LEU B 176 18.80 -27.89 16.54
N GLN B 177 19.33 -29.12 16.54
CA GLN B 177 20.45 -29.54 17.38
C GLN B 177 21.79 -29.27 16.68
N SER B 178 22.92 -29.36 17.45
CA SER B 178 24.32 -29.15 17.00
C SER B 178 24.66 -30.01 15.79
N SER B 179 24.07 -31.21 15.72
CA SER B 179 24.24 -32.20 14.67
C SER B 179 23.54 -31.81 13.35
N GLY B 180 22.75 -30.74 13.37
CA GLY B 180 22.00 -30.26 12.22
C GLY B 180 20.68 -30.99 12.03
N LEU B 181 20.31 -31.82 13.01
CA LEU B 181 19.06 -32.59 13.00
C LEU B 181 18.06 -31.99 13.96
N TYR B 182 16.78 -32.18 13.69
CA TYR B 182 15.70 -31.64 14.49
C TYR B 182 15.25 -32.63 15.54
N SER B 183 14.68 -32.11 16.61
CA SER B 183 14.11 -32.91 17.68
C SER B 183 12.97 -32.17 18.32
N LEU B 184 11.93 -32.90 18.71
CA LEU B 184 10.77 -32.32 19.42
C LEU B 184 10.16 -33.33 20.36
N SER B 185 9.30 -32.86 21.27
CA SER B 185 8.54 -33.74 22.15
C SER B 185 7.07 -33.43 21.99
N SER B 186 6.22 -34.42 22.16
CA SER B 186 4.77 -34.22 22.25
C SER B 186 4.39 -34.80 23.59
N VAL B 187 3.63 -34.06 24.39
CA VAL B 187 3.23 -34.47 25.73
C VAL B 187 1.70 -34.41 25.88
N VAL B 188 1.16 -35.11 26.90
CA VAL B 188 -0.26 -35.11 27.21
C VAL B 188 -0.45 -35.36 28.72
N THR B 189 -1.38 -34.63 29.34
CA THR B 189 -1.73 -34.85 30.74
C THR B 189 -3.03 -35.64 30.72
N VAL B 190 -3.06 -36.72 31.51
CA VAL B 190 -4.21 -37.62 31.63
C VAL B 190 -4.46 -37.93 33.12
N PRO B 191 -5.67 -38.42 33.54
CA PRO B 191 -5.86 -38.77 34.95
C PRO B 191 -4.95 -39.94 35.35
N SER B 192 -4.36 -39.87 36.56
CA SER B 192 -3.47 -40.91 37.08
C SER B 192 -4.15 -42.29 37.19
N SER B 193 -5.48 -42.32 37.37
CA SER B 193 -6.27 -43.56 37.47
C SER B 193 -6.36 -44.31 36.13
N SER B 194 -6.24 -43.59 35.00
CA SER B 194 -6.29 -44.13 33.65
C SER B 194 -5.04 -44.93 33.26
N LEU B 195 -3.90 -44.71 33.96
CA LEU B 195 -2.65 -45.42 33.67
C LEU B 195 -2.80 -46.91 34.01
N GLY B 196 -2.33 -47.76 33.11
CA GLY B 196 -2.44 -49.21 33.28
C GLY B 196 -3.65 -49.79 32.58
N THR B 197 -4.82 -49.13 32.74
CA THR B 197 -6.08 -49.51 32.09
C THR B 197 -6.13 -48.95 30.66
N GLN B 198 -6.03 -47.60 30.52
CA GLN B 198 -6.04 -46.87 29.24
C GLN B 198 -4.70 -46.88 28.52
N THR B 199 -4.74 -47.23 27.22
CA THR B 199 -3.57 -47.30 26.33
C THR B 199 -3.34 -45.93 25.66
N TYR B 200 -2.09 -45.48 25.67
CA TYR B 200 -1.69 -44.22 25.05
C TYR B 200 -0.61 -44.47 24.00
N ILE B 201 -0.94 -44.12 22.73
CA ILE B 201 -0.06 -44.32 21.58
C ILE B 201 0.12 -43.02 20.81
N CYS B 202 1.38 -42.57 20.65
CA CYS B 202 1.68 -41.40 19.83
C CYS B 202 1.94 -41.85 18.39
N ASN B 203 1.26 -41.20 17.46
CA ASN B 203 1.39 -41.49 16.04
C ASN B 203 2.26 -40.39 15.44
N VAL B 204 3.52 -40.71 15.19
CA VAL B 204 4.53 -39.83 14.62
C VAL B 204 4.54 -40.03 13.09
N ASN B 205 4.42 -38.92 12.34
CA ASN B 205 4.40 -38.97 10.89
C ASN B 205 5.43 -37.99 10.32
N HIS B 206 6.39 -38.52 9.56
CA HIS B 206 7.41 -37.69 8.95
C HIS B 206 7.36 -37.93 7.46
N LYS B 207 6.45 -37.20 6.76
CA LYS B 207 6.25 -37.27 5.31
C LYS B 207 7.57 -37.01 4.55
N PRO B 208 8.44 -36.02 4.93
CA PRO B 208 9.71 -35.83 4.19
C PRO B 208 10.58 -37.05 3.98
N SER B 209 10.42 -38.06 4.84
CA SER B 209 11.17 -39.31 4.75
C SER B 209 10.23 -40.53 4.60
N ASN B 210 8.91 -40.28 4.44
CA ASN B 210 7.85 -41.31 4.35
C ASN B 210 7.93 -42.31 5.53
N THR B 211 8.22 -41.79 6.74
CA THR B 211 8.37 -42.55 7.97
C THR B 211 7.13 -42.35 8.85
N LYS B 212 6.55 -43.44 9.34
CA LYS B 212 5.39 -43.47 10.23
C LYS B 212 5.70 -44.37 11.41
N VAL B 213 5.64 -43.83 12.63
CA VAL B 213 5.93 -44.60 13.83
C VAL B 213 4.77 -44.45 14.82
N ASP B 214 4.26 -45.58 15.33
CA ASP B 214 3.22 -45.64 16.34
C ASP B 214 3.92 -46.18 17.58
N LYS B 215 3.98 -45.40 18.65
CA LYS B 215 4.68 -45.81 19.87
C LYS B 215 3.76 -45.83 21.09
N LYS B 216 3.64 -47.01 21.72
CA LYS B 216 2.84 -47.17 22.92
C LYS B 216 3.66 -46.62 24.09
N VAL B 217 3.07 -45.72 24.88
CA VAL B 217 3.68 -45.14 26.07
C VAL B 217 2.98 -45.77 27.28
N GLU B 218 3.76 -46.35 28.18
CA GLU B 218 3.25 -47.01 29.38
C GLU B 218 4.25 -46.91 30.54
N PRO B 219 3.83 -47.05 31.82
CA PRO B 219 4.84 -47.03 32.91
C PRO B 219 5.70 -48.28 32.87
N LYS B 220 7.01 -48.17 33.21
CA LYS B 220 7.93 -49.32 33.27
C LYS B 220 7.90 -49.99 34.69
N SER B 221 8.85 -50.91 35.02
CA SER B 221 8.93 -51.64 36.31
C SER B 221 9.05 -50.74 37.58
N CYS B 222 9.62 -49.51 37.44
CA CYS B 222 9.79 -48.53 38.53
C CYS B 222 9.58 -47.08 38.07
N ASP C 1 -2.90 14.65 -4.00
CA ASP C 1 -4.35 14.43 -4.03
C ASP C 1 -5.10 15.71 -4.36
N PHE C 2 -6.41 15.62 -4.65
CA PHE C 2 -7.21 16.81 -4.85
C PHE C 2 -7.41 17.46 -3.48
N VAL C 3 -7.35 18.79 -3.48
CA VAL C 3 -7.55 19.56 -2.24
C VAL C 3 -9.06 19.40 -1.96
N LEU C 4 -9.42 19.11 -0.69
CA LEU C 4 -10.81 18.91 -0.30
C LEU C 4 -11.34 20.09 0.51
N ASP C 5 -12.64 20.40 0.36
CA ASP C 5 -13.29 21.44 1.15
C ASP C 5 -13.68 20.84 2.54
N ASN C 6 -14.30 21.61 3.44
CA ASN C 6 -14.66 21.17 4.78
C ASN C 6 -15.89 20.23 4.80
N GLU C 7 -16.41 19.88 3.61
CA GLU C 7 -17.49 18.89 3.48
C GLU C 7 -16.92 17.61 2.84
N GLY C 8 -15.60 17.55 2.64
CA GLY C 8 -14.91 16.40 2.07
C GLY C 8 -14.98 16.28 0.55
N ASN C 9 -15.39 17.35 -0.14
CA ASN C 9 -15.53 17.36 -1.60
C ASN C 9 -14.33 18.02 -2.26
N PRO C 10 -13.84 17.48 -3.41
CA PRO C 10 -12.68 18.13 -4.07
C PRO C 10 -12.97 19.56 -4.52
N LEU C 11 -12.03 20.48 -4.33
CA LEU C 11 -12.18 21.89 -4.74
C LEU C 11 -12.33 21.92 -6.28
N GLU C 12 -13.32 22.62 -6.80
CA GLU C 12 -13.56 22.77 -8.25
C GLU C 12 -12.58 23.81 -8.81
N ASN C 13 -11.98 23.52 -9.96
CA ASN C 13 -11.08 24.44 -10.64
C ASN C 13 -11.96 25.62 -11.15
N GLY C 14 -11.79 26.79 -10.54
CA GLY C 14 -12.62 27.95 -10.86
C GLY C 14 -13.80 28.10 -9.89
N GLY C 15 -13.81 27.27 -8.85
CA GLY C 15 -14.85 27.32 -7.83
C GLY C 15 -14.56 28.42 -6.84
N THR C 16 -15.60 28.82 -6.07
CA THR C 16 -15.51 29.92 -5.10
C THR C 16 -15.59 29.38 -3.69
N TYR C 17 -14.59 29.71 -2.87
CA TYR C 17 -14.53 29.18 -1.52
C TYR C 17 -14.13 30.23 -0.51
N TYR C 18 -14.70 30.13 0.71
CA TYR C 18 -14.24 30.94 1.82
C TYR C 18 -12.97 30.21 2.31
N ILE C 19 -11.94 30.98 2.63
CA ILE C 19 -10.69 30.43 3.11
C ILE C 19 -10.68 30.72 4.61
N LEU C 20 -11.08 29.72 5.39
CA LEU C 20 -11.21 29.85 6.84
C LEU C 20 -10.00 29.30 7.58
N SER C 21 -9.88 29.68 8.84
CA SER C 21 -8.80 29.27 9.73
C SER C 21 -9.10 27.89 10.25
N ASP C 22 -8.05 27.13 10.61
CA ASP C 22 -8.15 25.80 11.22
C ASP C 22 -8.52 25.95 12.72
N ILE C 23 -8.20 27.13 13.30
CA ILE C 23 -8.40 27.56 14.69
C ILE C 23 -9.66 28.44 14.75
N THR C 24 -10.47 28.29 15.81
CA THR C 24 -11.70 29.06 16.03
C THR C 24 -11.45 30.57 16.26
N ALA C 25 -10.24 30.95 16.74
CA ALA C 25 -9.86 32.33 17.09
C ALA C 25 -9.86 33.32 15.93
N PHE C 26 -9.62 32.87 14.69
CA PHE C 26 -9.54 33.79 13.54
C PHE C 26 -10.62 33.54 12.49
N GLY C 27 -10.92 34.56 11.72
CA GLY C 27 -11.92 34.48 10.67
C GLY C 27 -11.36 34.04 9.33
N GLY C 28 -12.10 34.37 8.28
CA GLY C 28 -11.72 34.06 6.91
C GLY C 28 -10.78 35.07 6.31
N ILE C 29 -10.41 34.87 5.04
CA ILE C 29 -9.49 35.78 4.34
C ILE C 29 -10.27 36.87 3.66
N ARG C 30 -9.78 38.10 3.77
CA ARG C 30 -10.40 39.23 3.11
C ARG C 30 -9.33 40.27 2.73
N ALA C 31 -9.77 41.44 2.26
CA ALA C 31 -8.92 42.54 1.81
C ALA C 31 -9.13 43.73 2.71
N ALA C 32 -8.06 44.44 3.02
CA ALA C 32 -8.12 45.63 3.86
C ALA C 32 -7.09 46.64 3.42
N PRO C 33 -7.34 47.97 3.59
CA PRO C 33 -6.29 48.96 3.29
C PRO C 33 -5.26 48.94 4.42
N THR C 34 -4.01 49.07 4.08
CA THR C 34 -2.91 49.01 5.05
C THR C 34 -1.93 50.18 4.72
N GLY C 35 -1.29 50.77 5.74
CA GLY C 35 -0.35 51.86 5.58
C GLY C 35 -0.97 53.03 4.85
N ASN C 36 -0.44 53.39 3.68
CA ASN C 36 -0.97 54.52 2.89
C ASN C 36 -1.93 54.14 1.78
N GLU C 37 -2.37 52.87 1.75
CA GLU C 37 -3.27 52.37 0.72
C GLU C 37 -4.60 53.09 0.72
N ARG C 38 -5.04 53.44 -0.49
CA ARG C 38 -6.27 54.21 -0.74
C ARG C 38 -7.40 53.24 -1.01
N CYS C 39 -7.04 51.98 -1.32
CA CYS C 39 -7.95 50.89 -1.62
C CYS C 39 -7.59 49.66 -0.78
N PRO C 40 -8.54 48.71 -0.52
CA PRO C 40 -8.20 47.52 0.26
C PRO C 40 -7.33 46.56 -0.56
N LEU C 41 -6.01 46.83 -0.59
CA LEU C 41 -5.11 46.07 -1.43
C LEU C 41 -4.35 44.98 -0.72
N THR C 42 -4.38 44.97 0.61
CA THR C 42 -3.65 43.97 1.39
C THR C 42 -4.55 42.81 1.66
N VAL C 43 -4.02 41.58 1.45
CA VAL C 43 -4.76 40.35 1.74
C VAL C 43 -4.49 40.02 3.21
N VAL C 44 -5.56 39.95 4.01
CA VAL C 44 -5.45 39.74 5.45
C VAL C 44 -6.31 38.59 5.92
N GLN C 45 -6.06 38.13 7.16
CA GLN C 45 -6.92 37.16 7.82
C GLN C 45 -7.72 37.92 8.89
N SER C 46 -9.06 37.87 8.83
CA SER C 46 -9.94 38.58 9.76
C SER C 46 -9.74 38.13 11.20
N ARG C 47 -9.82 39.07 12.16
CA ARG C 47 -9.71 38.76 13.60
C ARG C 47 -11.09 38.45 14.20
N ASN C 48 -12.16 38.74 13.44
CA ASN C 48 -13.53 38.42 13.81
C ASN C 48 -13.77 36.95 13.41
N GLU C 49 -13.86 36.06 14.42
CA GLU C 49 -14.09 34.62 14.26
C GLU C 49 -15.30 34.27 13.39
N LEU C 50 -16.38 35.07 13.50
CA LEU C 50 -17.64 34.89 12.76
C LEU C 50 -17.60 35.40 11.33
N ASP C 51 -16.58 36.22 10.98
CA ASP C 51 -16.42 36.73 9.62
C ASP C 51 -15.77 35.65 8.73
N LYS C 52 -16.52 35.13 7.76
CA LYS C 52 -16.08 34.10 6.82
C LYS C 52 -15.18 34.70 5.75
N GLY C 53 -15.18 36.02 5.65
CA GLY C 53 -14.34 36.74 4.69
C GLY C 53 -14.92 36.81 3.30
N ILE C 54 -14.05 36.95 2.29
CA ILE C 54 -14.44 37.06 0.89
C ILE C 54 -14.24 35.73 0.18
N GLY C 55 -15.24 35.32 -0.58
CA GLY C 55 -15.19 34.14 -1.42
C GLY C 55 -14.01 34.30 -2.38
N THR C 56 -13.17 33.27 -2.46
CA THR C 56 -11.99 33.29 -3.32
C THR C 56 -12.12 32.27 -4.45
N ILE C 57 -11.91 32.72 -5.70
CA ILE C 57 -11.92 31.89 -6.89
C ILE C 57 -10.51 31.26 -7.02
N ILE C 58 -10.45 29.92 -6.88
CA ILE C 58 -9.20 29.18 -6.90
C ILE C 58 -9.16 28.41 -8.20
N SER C 59 -8.13 28.65 -8.99
CA SER C 59 -8.06 27.98 -10.27
C SER C 59 -6.64 27.52 -10.63
N SER C 60 -6.53 26.66 -11.67
CA SER C 60 -5.24 26.20 -12.22
C SER C 60 -5.34 26.38 -13.73
N PRO C 61 -4.26 26.74 -14.46
CA PRO C 61 -4.38 26.77 -15.93
C PRO C 61 -4.61 25.39 -16.55
N TYR C 62 -4.25 24.29 -15.83
CA TYR C 62 -4.44 22.92 -16.33
C TYR C 62 -5.93 22.63 -16.51
N ARG C 63 -6.30 22.00 -17.63
CA ARG C 63 -7.71 21.82 -17.97
C ARG C 63 -8.37 20.61 -17.27
N ILE C 64 -8.14 20.51 -15.97
CA ILE C 64 -8.64 19.50 -15.05
C ILE C 64 -9.76 20.18 -14.25
N ARG C 65 -10.78 19.42 -13.86
CA ARG C 65 -11.96 19.96 -13.18
C ARG C 65 -11.74 20.32 -11.71
N PHE C 66 -10.74 19.69 -11.10
CA PHE C 66 -10.48 19.84 -9.68
C PHE C 66 -9.10 20.37 -9.36
N ILE C 67 -8.97 20.99 -8.18
CA ILE C 67 -7.73 21.57 -7.69
C ILE C 67 -6.92 20.48 -7.03
N ALA C 68 -5.71 20.24 -7.52
CA ALA C 68 -4.84 19.24 -6.95
C ALA C 68 -3.67 19.85 -6.20
N GLU C 69 -3.17 19.10 -5.21
CA GLU C 69 -1.98 19.47 -4.46
C GLU C 69 -0.84 19.42 -5.47
N GLY C 70 0.03 20.42 -5.43
CA GLY C 70 1.16 20.43 -6.32
C GLY C 70 0.85 20.99 -7.70
N HIS C 71 -0.39 21.42 -7.96
CA HIS C 71 -0.66 22.06 -9.27
C HIS C 71 -0.44 23.52 -9.11
N PRO C 72 0.00 24.22 -10.18
CA PRO C 72 0.15 25.67 -10.08
C PRO C 72 -1.25 26.29 -10.04
N LEU C 73 -1.44 27.28 -9.14
CA LEU C 73 -2.73 27.94 -8.93
C LEU C 73 -2.68 29.44 -9.04
N SER C 74 -3.85 30.00 -9.30
CA SER C 74 -4.01 31.45 -9.23
C SER C 74 -5.24 31.64 -8.34
N LEU C 75 -5.22 32.71 -7.54
CA LEU C 75 -6.29 32.98 -6.59
C LEU C 75 -6.79 34.37 -6.81
N LYS C 76 -8.12 34.55 -6.76
CA LYS C 76 -8.67 35.89 -6.90
C LYS C 76 -9.92 36.01 -6.12
N PHE C 77 -10.13 37.17 -5.49
CA PHE C 77 -11.36 37.38 -4.76
C PHE C 77 -12.53 37.50 -5.73
N ASP C 78 -13.69 37.01 -5.31
CA ASP C 78 -14.91 37.20 -6.08
C ASP C 78 -15.33 38.66 -5.79
N SER C 79 -16.33 39.21 -6.50
CA SER C 79 -16.82 40.58 -6.29
C SER C 79 -17.11 40.85 -4.82
N PHE C 80 -16.78 42.05 -4.35
CA PHE C 80 -17.03 42.46 -2.98
C PHE C 80 -17.28 43.95 -2.95
N ALA C 81 -17.98 44.45 -1.91
CA ALA C 81 -18.28 45.88 -1.83
C ALA C 81 -17.04 46.71 -1.53
N VAL C 82 -16.83 47.74 -2.36
CA VAL C 82 -15.71 48.69 -2.22
C VAL C 82 -16.22 50.12 -2.29
N ILE C 83 -15.39 51.08 -1.81
CA ILE C 83 -15.71 52.51 -1.92
C ILE C 83 -15.71 52.89 -3.43
N MET C 84 -16.50 53.89 -3.79
CA MET C 84 -16.71 54.31 -5.18
C MET C 84 -15.43 54.36 -6.04
N LEU C 85 -14.34 54.97 -5.55
CA LEU C 85 -13.09 55.08 -6.33
C LEU C 85 -12.28 53.78 -6.42
N CYS C 86 -12.69 52.71 -5.74
CA CYS C 86 -11.96 51.45 -5.80
C CYS C 86 -12.69 50.39 -6.64
N VAL C 87 -13.85 50.75 -7.23
CA VAL C 87 -14.63 49.86 -8.10
C VAL C 87 -13.76 49.55 -9.33
N GLY C 88 -13.64 48.29 -9.67
CA GLY C 88 -12.86 47.87 -10.83
C GLY C 88 -11.43 47.43 -10.57
N ILE C 89 -10.94 47.60 -9.34
CA ILE C 89 -9.56 47.16 -9.02
C ILE C 89 -9.40 45.66 -9.29
N PRO C 90 -8.28 45.20 -9.88
CA PRO C 90 -8.09 43.75 -10.06
C PRO C 90 -8.07 43.03 -8.70
N THR C 91 -8.71 41.87 -8.59
CA THR C 91 -8.78 41.10 -7.34
C THR C 91 -7.85 39.90 -7.31
N GLU C 92 -6.95 39.78 -8.31
CA GLU C 92 -5.98 38.68 -8.40
C GLU C 92 -4.96 38.78 -7.27
N TRP C 93 -4.67 37.68 -6.58
CA TRP C 93 -3.66 37.73 -5.52
C TRP C 93 -2.28 37.69 -6.17
N SER C 94 -1.43 38.63 -5.79
CA SER C 94 -0.05 38.75 -6.25
C SER C 94 0.86 38.78 -5.05
N VAL C 95 2.14 38.43 -5.26
CA VAL C 95 3.16 38.51 -4.22
C VAL C 95 4.13 39.60 -4.68
N VAL C 96 4.27 40.66 -3.91
CA VAL C 96 5.17 41.76 -4.26
C VAL C 96 6.27 41.79 -3.22
N GLU C 97 7.53 41.69 -3.69
CA GLU C 97 8.65 41.70 -2.77
C GLU C 97 9.14 43.12 -2.57
N ASP C 98 10.16 43.29 -1.73
CA ASP C 98 10.74 44.58 -1.39
C ASP C 98 9.71 45.44 -0.64
N LEU C 99 9.28 44.89 0.50
CA LEU C 99 8.34 45.49 1.43
C LEU C 99 8.83 45.17 2.84
N PRO C 100 8.69 46.11 3.81
CA PRO C 100 9.20 45.86 5.18
C PRO C 100 8.78 44.53 5.83
N GLU C 101 7.49 44.18 5.65
CA GLU C 101 6.88 42.95 6.15
C GLU C 101 7.40 41.68 5.44
N GLY C 102 8.23 41.87 4.40
CA GLY C 102 8.77 40.82 3.54
C GLY C 102 7.92 40.71 2.28
N PRO C 103 8.02 39.62 1.47
CA PRO C 103 7.15 39.51 0.26
C PRO C 103 5.69 39.39 0.73
N ALA C 104 4.84 40.27 0.23
CA ALA C 104 3.48 40.37 0.72
C ALA C 104 2.42 40.06 -0.28
N VAL C 105 1.33 39.45 0.17
CA VAL C 105 0.18 39.09 -0.66
C VAL C 105 -0.72 40.34 -0.81
N LYS C 106 -0.90 40.77 -2.05
CA LYS C 106 -1.66 41.96 -2.36
C LYS C 106 -2.60 41.70 -3.52
N ILE C 107 -3.62 42.54 -3.66
CA ILE C 107 -4.51 42.51 -4.82
C ILE C 107 -4.27 43.86 -5.51
N GLY C 108 -5.12 44.24 -6.47
CA GLY C 108 -4.92 45.50 -7.19
C GLY C 108 -3.89 45.35 -8.29
N GLU C 109 -3.64 46.45 -9.04
CA GLU C 109 -2.64 46.48 -10.10
C GLU C 109 -1.27 46.42 -9.45
N ASN C 110 -0.50 45.39 -9.76
CA ASN C 110 0.84 45.22 -9.21
C ASN C 110 1.76 44.89 -10.37
N LYS C 111 2.34 45.92 -11.01
CA LYS C 111 3.23 45.75 -12.16
C LYS C 111 4.54 45.05 -11.73
N ASP C 112 4.95 45.28 -10.46
CA ASP C 112 6.13 44.72 -9.79
C ASP C 112 5.88 43.31 -9.19
N ALA C 113 4.71 42.70 -9.46
CA ALA C 113 4.37 41.37 -8.91
C ALA C 113 5.41 40.31 -9.31
N MET C 114 5.83 39.48 -8.34
CA MET C 114 6.76 38.40 -8.61
C MET C 114 6.10 37.39 -9.57
N ASP C 115 6.84 36.95 -10.59
CA ASP C 115 6.38 35.96 -11.57
C ASP C 115 6.37 34.56 -10.94
N GLY C 116 5.21 33.94 -10.86
CA GLY C 116 5.11 32.65 -10.21
C GLY C 116 3.71 32.11 -10.03
N TRP C 117 3.60 31.07 -9.23
CA TRP C 117 2.34 30.39 -9.00
C TRP C 117 2.14 30.08 -7.55
N PHE C 118 0.87 29.98 -7.14
CA PHE C 118 0.60 29.46 -5.78
C PHE C 118 0.39 27.96 -5.90
N ARG C 119 0.45 27.24 -4.76
CA ARG C 119 0.14 25.82 -4.69
C ARG C 119 -0.38 25.54 -3.30
N LEU C 120 -1.21 24.51 -3.17
CA LEU C 120 -1.80 24.15 -1.89
C LEU C 120 -1.23 22.80 -1.43
N GLU C 121 -0.87 22.70 -0.14
CA GLU C 121 -0.26 21.52 0.44
C GLU C 121 -0.98 21.16 1.73
N ARG C 122 -1.47 19.91 1.81
CA ARG C 122 -2.15 19.39 2.99
C ARG C 122 -1.22 19.35 4.22
N VAL C 123 -1.69 19.88 5.34
CA VAL C 123 -0.93 19.87 6.59
C VAL C 123 -1.62 18.86 7.54
N SER C 124 -1.07 17.64 7.56
CA SER C 124 -1.56 16.43 8.25
C SER C 124 -2.16 16.63 9.65
N ASP C 125 -3.38 16.06 9.85
CA ASP C 125 -4.15 16.07 11.10
C ASP C 125 -5.21 14.95 11.18
N ASP C 126 -5.35 14.17 10.08
CA ASP C 126 -6.26 13.03 9.85
C ASP C 126 -7.66 13.48 9.39
N GLU C 127 -8.70 13.37 10.26
CA GLU C 127 -10.10 13.66 9.92
C GLU C 127 -10.45 15.14 9.65
N PHE C 128 -9.44 16.02 9.54
CA PHE C 128 -9.67 17.41 9.18
C PHE C 128 -8.86 17.75 7.94
N ASN C 129 -9.47 18.49 7.00
CA ASN C 129 -8.86 18.91 5.74
C ASN C 129 -8.21 20.30 5.87
N ASN C 130 -6.96 20.31 6.36
CA ASN C 130 -6.17 21.51 6.60
C ASN C 130 -5.05 21.66 5.58
N TYR C 131 -4.86 22.89 5.08
CA TYR C 131 -3.87 23.17 4.06
C TYR C 131 -3.06 24.43 4.34
N LYS C 132 -1.89 24.50 3.74
CA LYS C 132 -1.08 25.69 3.72
C LYS C 132 -0.95 26.15 2.28
N LEU C 133 -0.81 27.44 2.11
CA LEU C 133 -0.61 28.04 0.80
C LEU C 133 0.89 28.33 0.65
N VAL C 134 1.43 28.10 -0.54
CA VAL C 134 2.84 28.24 -0.85
C VAL C 134 2.97 29.05 -2.14
N PHE C 135 3.88 30.02 -2.18
CA PHE C 135 4.12 30.75 -3.41
C PHE C 135 5.43 30.23 -4.05
N CYS C 136 5.39 29.90 -5.35
CA CYS C 136 6.55 29.37 -6.06
C CYS C 136 6.96 30.32 -7.17
N PRO C 137 8.18 30.88 -7.13
CA PRO C 137 8.63 31.69 -8.27
C PRO C 137 8.77 30.79 -9.48
N GLN C 138 8.65 31.39 -10.66
CA GLN C 138 8.78 30.69 -11.94
C GLN C 138 10.03 29.79 -11.95
N GLN C 139 9.86 28.51 -12.36
CA GLN C 139 10.94 27.48 -12.49
C GLN C 139 11.62 27.09 -11.16
N ALA C 140 10.99 27.35 -10.02
CA ALA C 140 11.62 27.04 -8.76
C ALA C 140 11.45 25.59 -8.36
N GLU C 141 12.47 25.07 -7.67
CA GLU C 141 12.43 23.77 -7.04
C GLU C 141 11.59 23.99 -5.77
N ASP C 142 11.03 22.91 -5.18
CA ASP C 142 10.24 22.98 -3.93
C ASP C 142 10.93 23.77 -2.80
N ASP C 143 12.26 23.56 -2.60
CA ASP C 143 13.11 24.23 -1.58
C ASP C 143 13.14 25.76 -1.79
N LYS C 144 12.89 26.21 -3.04
CA LYS C 144 12.89 27.63 -3.39
C LYS C 144 11.49 28.28 -3.27
N CYS C 145 10.42 27.50 -2.98
CA CYS C 145 9.08 28.05 -2.79
C CYS C 145 9.00 28.67 -1.39
N GLY C 146 8.01 29.52 -1.15
CA GLY C 146 7.83 30.15 0.15
C GLY C 146 6.46 29.94 0.73
N ASP C 147 6.39 29.44 1.96
CA ASP C 147 5.12 29.26 2.69
C ASP C 147 4.49 30.62 2.97
N ILE C 148 3.17 30.70 2.86
CA ILE C 148 2.44 31.89 3.22
C ILE C 148 2.13 31.78 4.72
N GLY C 149 2.49 32.85 5.42
CA GLY C 149 2.29 32.99 6.86
C GLY C 149 1.66 34.34 7.15
N ILE C 150 1.65 34.71 8.42
CA ILE C 150 1.03 35.94 8.91
C ILE C 150 2.06 36.85 9.53
N SER C 151 2.02 38.13 9.18
CA SER C 151 2.86 39.15 9.80
C SER C 151 1.91 40.17 10.44
N ILE C 152 1.81 40.13 11.77
CA ILE C 152 0.91 41.03 12.52
C ILE C 152 1.48 42.46 12.48
N ASP C 153 0.68 43.43 11.98
CA ASP C 153 1.11 44.82 11.88
C ASP C 153 1.50 45.40 13.26
N HIS C 154 2.70 45.99 13.37
CA HIS C 154 3.22 46.55 14.64
C HIS C 154 2.28 47.55 15.28
N ASP C 155 1.51 48.29 14.47
CA ASP C 155 0.67 49.39 14.94
C ASP C 155 -0.81 49.07 15.12
N ASP C 156 -1.36 48.30 14.16
CA ASP C 156 -2.75 47.89 13.91
C ASP C 156 -3.19 46.55 14.46
N GLY C 157 -2.30 45.56 14.41
CA GLY C 157 -2.66 44.19 14.76
C GLY C 157 -3.21 43.43 13.57
N THR C 158 -3.31 44.11 12.40
CA THR C 158 -3.82 43.49 11.18
C THR C 158 -2.96 42.28 10.77
N ARG C 159 -3.63 41.18 10.48
CA ARG C 159 -2.99 39.91 10.16
C ARG C 159 -2.73 39.79 8.65
N ARG C 160 -1.57 40.33 8.18
CA ARG C 160 -1.20 40.35 6.76
C ARG C 160 -0.60 39.04 6.28
N LEU C 161 -1.03 38.55 5.10
CA LEU C 161 -0.50 37.32 4.49
C LEU C 161 0.80 37.70 3.81
N VAL C 162 1.88 37.01 4.17
CA VAL C 162 3.20 37.31 3.62
C VAL C 162 3.91 35.99 3.37
N VAL C 163 5.01 36.01 2.59
CA VAL C 163 5.86 34.82 2.46
C VAL C 163 6.63 34.88 3.79
N SER C 164 6.54 33.83 4.59
CA SER C 164 7.18 33.79 5.91
C SER C 164 7.96 32.48 6.13
N LYS C 165 9.10 32.57 6.81
CA LYS C 165 9.97 31.42 7.16
C LYS C 165 9.51 30.86 8.53
N ASN C 166 8.54 31.52 9.20
CA ASN C 166 7.99 31.08 10.48
C ASN C 166 6.76 30.19 10.25
N LYS C 167 5.90 30.02 11.27
CA LYS C 167 4.72 29.15 11.16
C LYS C 167 3.82 29.50 9.97
N PRO C 168 3.49 28.52 9.09
CA PRO C 168 2.61 28.86 7.95
C PRO C 168 1.19 29.11 8.45
N LEU C 169 0.40 29.78 7.63
CA LEU C 169 -1.02 30.01 7.86
C LEU C 169 -1.68 28.68 7.45
N VAL C 170 -2.50 28.13 8.32
CA VAL C 170 -3.17 26.85 8.06
C VAL C 170 -4.65 27.15 7.87
N VAL C 171 -5.21 26.64 6.79
CA VAL C 171 -6.60 26.93 6.41
C VAL C 171 -7.41 25.72 5.99
N GLN C 172 -8.72 25.94 5.87
CA GLN C 172 -9.70 25.00 5.34
C GLN C 172 -10.64 25.79 4.41
N PHE C 173 -11.28 25.08 3.47
CA PHE C 173 -12.11 25.69 2.46
C PHE C 173 -13.58 25.42 2.66
N GLN C 174 -14.40 26.44 2.49
CA GLN C 174 -15.84 26.27 2.61
C GLN C 174 -16.45 26.74 1.31
N LYS C 175 -17.13 25.84 0.61
CA LYS C 175 -17.77 26.15 -0.67
C LYS C 175 -18.89 27.17 -0.51
N LEU C 176 -18.95 28.13 -1.43
CA LEU C 176 -20.00 29.15 -1.46
C LEU C 176 -21.31 28.56 -2.04
N ASP C 177 -22.47 29.10 -1.57
CA ASP C 177 -23.80 28.73 -2.03
C ASP C 177 -24.08 29.29 -3.43
N ASP D 1 11.32 0.42 -3.89
CA ASP D 1 10.40 1.49 -4.27
C ASP D 1 9.56 1.89 -3.05
N ILE D 2 8.37 1.31 -2.77
CA ILE D 2 7.69 1.60 -1.49
C ILE D 2 8.11 0.54 -0.44
N GLN D 3 8.73 0.97 0.67
CA GLN D 3 9.14 0.10 1.78
C GLN D 3 8.22 0.37 2.99
N MET D 4 7.79 -0.72 3.67
CA MET D 4 6.92 -0.65 4.86
C MET D 4 7.67 -0.87 6.15
N THR D 5 7.43 -0.01 7.16
CA THR D 5 8.06 -0.17 8.47
C THR D 5 6.91 -0.28 9.45
N GLN D 6 6.77 -1.43 10.07
CA GLN D 6 5.68 -1.71 11.00
C GLN D 6 6.13 -1.73 12.45
N SER D 7 5.32 -1.17 13.37
CA SER D 7 5.67 -1.12 14.78
C SER D 7 4.45 -1.22 15.73
N PRO D 8 4.57 -1.82 16.94
CA PRO D 8 5.77 -2.48 17.51
C PRO D 8 5.96 -3.85 16.86
N SER D 9 7.11 -4.51 17.10
CA SER D 9 7.30 -5.82 16.51
C SER D 9 6.47 -6.86 17.28
N SER D 10 6.12 -6.56 18.53
CA SER D 10 5.32 -7.43 19.36
C SER D 10 4.71 -6.65 20.51
N LEU D 11 3.54 -7.12 21.00
CA LEU D 11 2.90 -6.49 22.15
C LEU D 11 2.08 -7.50 22.92
N SER D 12 1.89 -7.21 24.20
CA SER D 12 1.10 -8.02 25.11
C SER D 12 0.08 -7.07 25.69
N ALA D 13 -1.22 -7.38 25.59
CA ALA D 13 -2.25 -6.48 26.09
C ALA D 13 -3.37 -7.27 26.74
N SER D 14 -4.22 -6.61 27.54
CA SER D 14 -5.33 -7.27 28.22
C SER D 14 -6.62 -7.24 27.41
N VAL D 15 -7.52 -8.21 27.69
CA VAL D 15 -8.84 -8.29 27.08
C VAL D 15 -9.55 -6.94 27.37
N GLY D 16 -10.15 -6.34 26.35
CA GLY D 16 -10.82 -5.05 26.51
C GLY D 16 -9.94 -3.84 26.29
N ASP D 17 -8.60 -4.04 26.17
CA ASP D 17 -7.69 -2.94 25.90
C ASP D 17 -7.84 -2.43 24.48
N ARG D 18 -7.56 -1.15 24.29
CA ARG D 18 -7.49 -0.52 23.00
C ARG D 18 -6.05 -0.81 22.55
N VAL D 19 -5.88 -1.36 21.34
CA VAL D 19 -4.59 -1.75 20.77
C VAL D 19 -4.42 -1.00 19.44
N THR D 20 -3.26 -0.38 19.25
CA THR D 20 -2.95 0.39 18.02
C THR D 20 -1.67 -0.17 17.42
N ILE D 21 -1.73 -0.56 16.14
CA ILE D 21 -0.56 -1.06 15.40
C ILE D 21 -0.30 -0.03 14.32
N THR D 22 0.97 0.36 14.12
CA THR D 22 1.25 1.38 13.12
C THR D 22 2.10 0.88 11.97
N CYS D 23 1.93 1.50 10.80
N CYS D 23 1.93 1.50 10.80
CA CYS D 23 2.67 1.18 9.58
CA CYS D 23 2.72 1.22 9.61
C CYS D 23 3.07 2.50 8.90
C CYS D 23 3.10 2.52 8.93
N SER D 24 4.37 2.64 8.57
CA SER D 24 4.91 3.81 7.91
C SER D 24 5.41 3.39 6.50
N ALA D 25 4.98 4.10 5.46
CA ALA D 25 5.41 3.85 4.08
C ALA D 25 6.58 4.82 3.84
N SER D 26 7.65 4.35 3.14
CA SER D 26 8.86 5.16 2.87
C SER D 26 8.53 6.41 2.04
N SER D 27 7.40 6.37 1.31
CA SER D 27 6.93 7.47 0.47
C SER D 27 5.41 7.40 0.46
N SER D 28 4.75 8.50 0.10
CA SER D 28 3.28 8.60 0.16
C SER D 28 2.55 7.59 -0.69
N VAL D 29 1.45 7.06 -0.14
CA VAL D 29 0.66 6.01 -0.77
C VAL D 29 -0.82 6.33 -0.53
N THR D 30 -1.73 5.85 -1.40
CA THR D 30 -3.16 6.15 -1.23
C THR D 30 -3.81 5.28 -0.15
N TYR D 31 -3.54 3.98 -0.17
CA TYR D 31 -4.20 3.04 0.72
C TYR D 31 -3.27 2.17 1.49
N MET D 32 -3.84 1.55 2.54
CA MET D 32 -3.11 0.55 3.31
C MET D 32 -3.97 -0.68 3.39
N TYR D 33 -3.34 -1.85 3.32
CA TYR D 33 -3.96 -3.16 3.44
C TYR D 33 -3.40 -3.84 4.68
N TRP D 34 -4.25 -4.64 5.35
CA TRP D 34 -3.88 -5.37 6.53
C TRP D 34 -4.35 -6.81 6.45
N TYR D 35 -3.52 -7.72 6.99
CA TYR D 35 -3.77 -9.16 7.04
C TYR D 35 -3.56 -9.66 8.45
N GLN D 36 -4.31 -10.68 8.84
CA GLN D 36 -4.13 -11.36 10.12
C GLN D 36 -3.67 -12.77 9.78
N GLN D 37 -2.69 -13.26 10.53
CA GLN D 37 -2.22 -14.64 10.36
C GLN D 37 -2.04 -15.26 11.74
N LYS D 38 -2.68 -16.40 11.98
CA LYS D 38 -2.54 -17.16 13.24
C LYS D 38 -1.43 -18.20 13.11
N PRO D 39 -0.71 -18.57 14.20
CA PRO D 39 0.40 -19.54 14.06
C PRO D 39 0.04 -20.84 13.35
N GLY D 40 0.89 -21.25 12.41
CA GLY D 40 0.68 -22.47 11.63
C GLY D 40 -0.48 -22.35 10.66
N LYS D 41 -1.02 -21.13 10.45
CA LYS D 41 -2.14 -20.94 9.52
C LYS D 41 -1.76 -20.02 8.41
N SER D 42 -2.59 -19.97 7.37
CA SER D 42 -2.31 -19.08 6.24
C SER D 42 -2.91 -17.68 6.51
N PRO D 43 -2.36 -16.59 5.94
CA PRO D 43 -2.93 -15.26 6.23
C PRO D 43 -4.36 -15.12 5.73
N LYS D 44 -5.09 -14.13 6.29
CA LYS D 44 -6.45 -13.78 5.90
C LYS D 44 -6.50 -12.30 5.67
N PRO D 45 -7.23 -11.84 4.61
CA PRO D 45 -7.42 -10.41 4.44
C PRO D 45 -8.16 -9.84 5.65
N TRP D 46 -7.75 -8.65 6.10
CA TRP D 46 -8.40 -8.11 7.30
C TRP D 46 -8.98 -6.74 7.04
N ILE D 47 -8.15 -5.84 6.51
CA ILE D 47 -8.56 -4.47 6.20
C ILE D 47 -7.98 -4.16 4.84
N TYR D 48 -8.74 -3.44 4.02
CA TYR D 48 -8.32 -3.04 2.70
C TYR D 48 -8.76 -1.61 2.48
N ARG D 49 -8.06 -0.90 1.56
CA ARG D 49 -8.38 0.49 1.23
C ARG D 49 -8.36 1.34 2.49
N THR D 50 -7.41 1.04 3.39
CA THR D 50 -7.15 1.73 4.66
C THR D 50 -8.14 1.43 5.76
N SER D 51 -9.44 1.50 5.48
CA SER D 51 -10.47 1.40 6.52
C SER D 51 -11.60 0.41 6.25
N ASP D 52 -11.65 -0.25 5.08
CA ASP D 52 -12.72 -1.22 4.80
C ASP D 52 -12.37 -2.59 5.40
N LEU D 53 -13.31 -3.17 6.17
CA LEU D 53 -13.10 -4.47 6.82
C LEU D 53 -13.43 -5.60 5.82
N ALA D 54 -12.60 -6.64 5.74
CA ALA D 54 -12.91 -7.81 4.92
C ALA D 54 -14.12 -8.54 5.54
N SER D 55 -14.82 -9.37 4.75
CA SER D 55 -15.99 -10.13 5.23
C SER D 55 -15.71 -10.96 6.47
N GLY D 56 -16.59 -10.86 7.46
CA GLY D 56 -16.44 -11.61 8.71
C GLY D 56 -15.57 -10.95 9.76
N VAL D 57 -14.88 -9.85 9.41
CA VAL D 57 -14.01 -9.15 10.35
C VAL D 57 -14.89 -8.37 11.33
N PRO D 58 -14.75 -8.58 12.67
CA PRO D 58 -15.61 -7.83 13.61
C PRO D 58 -15.31 -6.34 13.68
N SER D 59 -16.34 -5.51 13.99
CA SER D 59 -16.27 -4.04 13.97
C SER D 59 -15.37 -3.44 15.08
N ARG D 60 -14.82 -4.25 16.00
CA ARG D 60 -13.83 -3.76 16.97
C ARG D 60 -12.52 -3.40 16.21
N PHE D 61 -12.36 -3.91 14.98
CA PHE D 61 -11.20 -3.58 14.16
C PHE D 61 -11.52 -2.37 13.32
N SER D 62 -10.53 -1.51 13.13
CA SER D 62 -10.64 -0.37 12.25
C SER D 62 -9.27 -0.03 11.72
N GLY D 63 -9.27 0.69 10.62
CA GLY D 63 -8.04 1.16 9.99
C GLY D 63 -8.16 2.63 9.69
N SER D 64 -7.04 3.33 9.74
CA SER D 64 -7.00 4.77 9.44
C SER D 64 -5.59 5.17 9.00
N GLY D 65 -5.48 6.42 8.56
CA GLY D 65 -4.24 7.03 8.11
C GLY D 65 -4.32 7.55 6.69
N SER D 66 -3.22 8.20 6.27
CA SER D 66 -3.02 8.76 4.94
C SER D 66 -1.55 9.10 4.78
N GLY D 67 -1.15 9.34 3.54
CA GLY D 67 0.19 9.74 3.19
C GLY D 67 1.17 8.63 3.49
N THR D 68 1.98 8.81 4.52
CA THR D 68 2.96 7.80 4.87
C THR D 68 2.61 7.08 6.18
N ASP D 69 1.58 7.52 6.90
CA ASP D 69 1.27 6.99 8.25
C ASP D 69 -0.11 6.37 8.34
N PHE D 70 -0.17 5.07 8.75
CA PHE D 70 -1.41 4.30 8.85
C PHE D 70 -1.43 3.49 10.09
N THR D 71 -2.64 3.17 10.56
CA THR D 71 -2.79 2.35 11.76
C THR D 71 -3.92 1.35 11.64
N LEU D 72 -3.83 0.26 12.42
CA LEU D 72 -4.87 -0.76 12.58
C LEU D 72 -5.19 -0.64 14.07
N THR D 73 -6.47 -0.52 14.42
CA THR D 73 -6.89 -0.40 15.82
C THR D 73 -7.86 -1.48 16.21
N ILE D 74 -7.69 -2.01 17.43
CA ILE D 74 -8.60 -2.96 18.02
C ILE D 74 -9.18 -2.19 19.20
N SER D 75 -10.48 -1.88 19.16
CA SER D 75 -11.12 -1.04 20.20
C SER D 75 -11.22 -1.79 21.55
N SER D 76 -11.43 -3.11 21.49
CA SER D 76 -11.56 -3.93 22.70
C SER D 76 -10.95 -5.27 22.41
N LEU D 77 -9.65 -5.43 22.73
CA LEU D 77 -8.92 -6.68 22.45
C LEU D 77 -9.65 -7.94 22.93
N GLN D 78 -9.77 -8.94 22.08
CA GLN D 78 -10.45 -10.20 22.45
C GLN D 78 -9.50 -11.38 22.40
N PRO D 79 -9.75 -12.49 23.15
CA PRO D 79 -8.85 -13.65 23.08
C PRO D 79 -8.61 -14.19 21.67
N GLU D 80 -9.65 -14.19 20.80
CA GLU D 80 -9.47 -14.69 19.41
C GLU D 80 -8.62 -13.77 18.52
N ASP D 81 -8.20 -12.59 19.02
CA ASP D 81 -7.39 -11.64 18.24
C ASP D 81 -5.90 -11.97 18.31
N PHE D 82 -5.58 -12.99 19.14
CA PHE D 82 -4.22 -13.52 19.31
C PHE D 82 -3.79 -13.88 17.86
N ALA D 83 -2.73 -13.25 17.34
CA ALA D 83 -2.26 -13.45 15.95
C ALA D 83 -1.10 -12.51 15.62
N THR D 84 -0.56 -12.63 14.38
CA THR D 84 0.39 -11.67 13.87
C THR D 84 -0.34 -10.88 12.76
N TYR D 85 -0.23 -9.55 12.80
CA TYR D 85 -0.85 -8.60 11.86
C TYR D 85 0.21 -8.00 10.95
N TYR D 86 -0.12 -7.91 9.65
CA TYR D 86 0.80 -7.35 8.68
C TYR D 86 0.15 -6.31 7.81
N CYS D 87 0.89 -5.22 7.55
N CYS D 87 0.88 -5.24 7.52
CA CYS D 87 0.47 -4.16 6.64
CA CYS D 87 0.38 -4.24 6.59
C CYS D 87 1.10 -4.42 5.26
C CYS D 87 1.00 -4.55 5.23
N GLN D 88 0.45 -3.94 4.19
CA GLN D 88 0.91 -4.14 2.81
C GLN D 88 0.45 -2.98 1.95
N HIS D 89 1.33 -2.42 1.13
CA HIS D 89 0.89 -1.36 0.22
C HIS D 89 0.52 -1.99 -1.11
N TYR D 90 -0.22 -1.26 -1.97
CA TYR D 90 -0.46 -1.66 -3.37
C TYR D 90 -0.37 -0.39 -4.20
N HIS D 91 0.75 0.32 -4.05
CA HIS D 91 1.00 1.58 -4.71
C HIS D 91 1.56 1.36 -6.11
N SER D 92 2.58 0.52 -6.21
CA SER D 92 3.30 0.22 -7.44
C SER D 92 4.11 -1.05 -7.19
N TYR D 93 4.58 -1.69 -8.27
CA TYR D 93 5.48 -2.83 -8.14
C TYR D 93 6.91 -2.28 -7.92
N PRO D 94 7.69 -2.81 -6.96
CA PRO D 94 7.42 -4.03 -6.16
C PRO D 94 6.50 -3.84 -4.97
N LEU D 95 5.71 -4.88 -4.66
CA LEU D 95 4.86 -4.82 -3.47
C LEU D 95 5.70 -5.23 -2.26
N THR D 96 5.39 -4.68 -1.08
CA THR D 96 6.08 -5.06 0.15
C THR D 96 5.07 -5.11 1.28
N PHE D 97 5.40 -5.96 2.25
CA PHE D 97 4.70 -6.12 3.52
C PHE D 97 5.54 -5.49 4.61
N GLY D 98 4.88 -5.05 5.67
CA GLY D 98 5.54 -4.63 6.90
C GLY D 98 6.01 -5.88 7.62
N GLN D 99 6.92 -5.73 8.57
CA GLN D 99 7.54 -6.85 9.32
C GLN D 99 6.58 -7.65 10.22
N GLY D 100 5.40 -7.12 10.52
CA GLY D 100 4.42 -7.81 11.35
C GLY D 100 4.46 -7.38 12.79
N THR D 101 3.34 -7.53 13.48
CA THR D 101 3.18 -7.22 14.91
C THR D 101 2.52 -8.42 15.53
N LYS D 102 3.22 -9.06 16.45
CA LYS D 102 2.71 -10.23 17.15
C LYS D 102 1.94 -9.75 18.36
N VAL D 103 0.68 -10.16 18.47
CA VAL D 103 -0.20 -9.75 19.57
C VAL D 103 -0.42 -10.91 20.52
N GLU D 104 -0.02 -10.75 21.79
CA GLU D 104 -0.25 -11.75 22.84
C GLU D 104 -1.23 -11.23 23.85
N ILE D 105 -1.96 -12.13 24.50
CA ILE D 105 -3.00 -11.76 25.46
C ILE D 105 -2.60 -12.01 26.90
N LYS D 106 -2.81 -11.01 27.76
CA LYS D 106 -2.54 -11.13 29.19
C LYS D 106 -3.67 -11.89 29.88
N ARG D 107 -3.37 -12.49 31.03
CA ARG D 107 -4.32 -13.25 31.84
C ARG D 107 -3.70 -13.34 33.24
N THR D 108 -4.40 -13.98 34.18
CA THR D 108 -3.92 -14.16 35.55
C THR D 108 -2.65 -15.00 35.58
N VAL D 109 -1.82 -14.80 36.62
CA VAL D 109 -0.62 -15.61 36.77
C VAL D 109 -1.06 -17.08 37.00
N ALA D 110 -0.31 -18.01 36.40
CA ALA D 110 -0.53 -19.45 36.56
C ALA D 110 0.83 -20.11 36.71
N ALA D 111 1.05 -20.81 37.84
CA ALA D 111 2.31 -21.50 38.08
C ALA D 111 2.40 -22.72 37.16
N PRO D 112 3.59 -23.15 36.67
CA PRO D 112 3.62 -24.36 35.85
C PRO D 112 3.50 -25.61 36.72
N SER D 113 3.00 -26.71 36.14
CA SER D 113 3.02 -28.04 36.77
C SER D 113 4.30 -28.64 36.17
N VAL D 114 5.22 -29.10 37.00
CA VAL D 114 6.52 -29.59 36.52
C VAL D 114 6.62 -31.12 36.54
N PHE D 115 7.14 -31.69 35.46
CA PHE D 115 7.31 -33.13 35.32
C PHE D 115 8.72 -33.42 34.79
N ILE D 116 9.38 -34.45 35.30
CA ILE D 116 10.70 -34.87 34.82
C ILE D 116 10.61 -36.27 34.21
N PHE D 117 11.30 -36.48 33.09
CA PHE D 117 11.27 -37.74 32.38
C PHE D 117 12.68 -38.27 32.17
N PRO D 118 13.00 -39.45 32.75
CA PRO D 118 14.32 -40.06 32.49
C PRO D 118 14.47 -40.56 31.04
N PRO D 119 15.71 -40.73 30.49
CA PRO D 119 15.83 -41.30 29.14
C PRO D 119 15.33 -42.74 29.13
N SER D 120 14.69 -43.16 28.03
CA SER D 120 14.14 -44.50 27.86
C SER D 120 15.25 -45.53 27.74
N ASP D 121 14.91 -46.81 27.99
CA ASP D 121 15.86 -47.92 27.88
C ASP D 121 16.27 -48.10 26.41
N GLU D 122 15.31 -47.89 25.48
CA GLU D 122 15.49 -47.99 24.03
C GLU D 122 16.57 -47.01 23.52
N GLN D 123 16.57 -45.78 24.03
CA GLN D 123 17.51 -44.74 23.65
C GLN D 123 18.89 -44.96 24.26
N LEU D 124 18.93 -45.48 25.51
CA LEU D 124 20.18 -45.78 26.21
C LEU D 124 21.07 -46.73 25.40
N LYS D 125 20.44 -47.69 24.67
CA LYS D 125 21.09 -48.66 23.77
C LYS D 125 21.92 -47.93 22.73
N SER D 126 21.30 -46.91 22.09
CA SER D 126 21.86 -46.06 21.04
C SER D 126 23.10 -45.24 21.45
N GLY D 127 23.38 -45.15 22.75
CA GLY D 127 24.53 -44.43 23.27
C GLY D 127 24.33 -42.95 23.55
N THR D 128 23.06 -42.50 23.63
CA THR D 128 22.65 -41.11 23.96
C THR D 128 21.54 -41.14 25.02
N ALA D 129 21.50 -40.12 25.89
CA ALA D 129 20.48 -39.98 26.94
C ALA D 129 19.83 -38.59 26.89
N SER D 130 18.50 -38.55 26.72
CA SER D 130 17.77 -37.29 26.72
C SER D 130 16.93 -37.26 27.97
N VAL D 131 17.14 -36.23 28.80
CA VAL D 131 16.37 -36.03 30.04
C VAL D 131 15.44 -34.84 29.78
N VAL D 132 14.14 -35.06 29.90
CA VAL D 132 13.17 -34.02 29.57
C VAL D 132 12.48 -33.51 30.81
N CYS D 133 12.45 -32.20 30.96
CA CYS D 133 11.71 -31.52 32.01
C CYS D 133 10.59 -30.70 31.36
N LEU D 134 9.34 -30.91 31.82
CA LEU D 134 8.15 -30.24 31.29
C LEU D 134 7.57 -29.26 32.30
N LEU D 135 7.27 -28.02 31.83
CA LEU D 135 6.63 -26.98 32.59
C LEU D 135 5.29 -26.84 31.87
N ASN D 136 4.22 -27.21 32.54
CA ASN D 136 2.94 -27.20 31.87
C ASN D 136 2.01 -26.09 32.27
N ASN D 137 1.39 -25.45 31.27
CA ASN D 137 0.31 -24.46 31.41
C ASN D 137 0.58 -23.33 32.41
N PHE D 138 1.60 -22.53 32.12
CA PHE D 138 1.94 -21.41 32.98
C PHE D 138 1.73 -20.06 32.29
N TYR D 139 1.69 -18.99 33.10
CA TYR D 139 1.61 -17.62 32.61
C TYR D 139 2.18 -16.71 33.71
N PRO D 140 3.04 -15.71 33.41
CA PRO D 140 3.55 -15.28 32.10
C PRO D 140 4.63 -16.19 31.52
N ARG D 141 5.13 -15.86 30.31
CA ARG D 141 6.13 -16.63 29.55
C ARG D 141 7.45 -16.85 30.26
N GLU D 142 7.91 -15.83 31.00
CA GLU D 142 9.19 -15.86 31.71
C GLU D 142 9.27 -17.03 32.71
N ALA D 143 10.25 -17.91 32.50
CA ALA D 143 10.51 -19.06 33.36
C ALA D 143 11.98 -19.44 33.25
N LYS D 144 12.60 -19.77 34.39
CA LYS D 144 14.01 -20.16 34.46
C LYS D 144 14.10 -21.63 34.86
N VAL D 145 14.70 -22.43 33.97
CA VAL D 145 14.91 -23.87 34.15
C VAL D 145 16.40 -24.16 34.27
N GLN D 146 16.79 -24.79 35.39
CA GLN D 146 18.20 -25.14 35.63
C GLN D 146 18.36 -26.61 35.95
N TRP D 147 19.23 -27.29 35.21
CA TRP D 147 19.53 -28.71 35.39
C TRP D 147 20.66 -28.91 36.38
N LYS D 148 20.50 -29.90 37.26
CA LYS D 148 21.48 -30.31 38.26
C LYS D 148 21.64 -31.83 38.20
N VAL D 149 22.89 -32.28 37.99
CA VAL D 149 23.26 -33.69 37.91
C VAL D 149 24.23 -33.94 39.07
N ASP D 150 23.71 -34.58 40.15
CA ASP D 150 24.41 -34.84 41.42
C ASP D 150 24.82 -33.51 42.08
N ASN D 151 23.89 -32.52 41.97
CA ASN D 151 23.97 -31.14 42.45
C ASN D 151 24.93 -30.25 41.64
N ALA D 152 25.55 -30.80 40.58
CA ALA D 152 26.43 -30.00 39.74
C ALA D 152 25.58 -29.30 38.70
N LEU D 153 25.67 -27.96 38.66
CA LEU D 153 24.93 -27.12 37.72
C LEU D 153 25.40 -27.39 36.30
N GLN D 154 24.45 -27.74 35.41
CA GLN D 154 24.69 -28.05 34.00
C GLN D 154 24.67 -26.77 33.16
N SER D 155 25.58 -26.67 32.18
CA SER D 155 25.66 -25.52 31.29
C SER D 155 26.07 -25.90 29.86
N GLY D 156 25.21 -25.56 28.91
CA GLY D 156 25.43 -25.76 27.48
C GLY D 156 24.98 -27.06 26.86
N ASN D 157 24.44 -27.99 27.66
CA ASN D 157 23.99 -29.30 27.16
C ASN D 157 22.45 -29.47 27.20
N SER D 158 21.73 -28.33 27.17
CA SER D 158 20.26 -28.34 27.19
C SER D 158 19.66 -27.40 26.16
N GLN D 159 18.44 -27.70 25.72
CA GLN D 159 17.72 -26.87 24.76
C GLN D 159 16.27 -26.69 25.21
N GLU D 160 15.75 -25.48 25.05
CA GLU D 160 14.36 -25.19 25.40
C GLU D 160 13.47 -25.00 24.18
N SER D 161 12.20 -25.39 24.33
CA SER D 161 11.15 -25.20 23.33
C SER D 161 9.89 -24.75 24.06
N VAL D 162 9.26 -23.70 23.55
CA VAL D 162 8.08 -23.10 24.15
C VAL D 162 6.95 -23.18 23.15
N THR D 163 5.76 -23.56 23.61
CA THR D 163 4.60 -23.52 22.71
C THR D 163 4.06 -22.08 22.59
N GLU D 164 3.14 -21.90 21.68
CA GLU D 164 2.42 -20.66 21.45
C GLU D 164 1.30 -20.59 22.53
N GLN D 165 0.83 -19.39 22.94
CA GLN D 165 -0.25 -19.26 23.94
C GLN D 165 -1.37 -20.18 23.52
N ASP D 166 -1.82 -21.01 24.46
CA ASP D 166 -2.87 -21.98 24.20
C ASP D 166 -4.20 -21.26 23.89
N SER D 167 -4.92 -21.73 22.90
CA SER D 167 -6.20 -21.13 22.49
C SER D 167 -7.34 -21.34 23.53
N LYS D 168 -7.16 -22.27 24.46
CA LYS D 168 -8.18 -22.57 25.46
C LYS D 168 -8.06 -21.65 26.65
N ASP D 169 -6.83 -21.22 26.97
CA ASP D 169 -6.63 -20.46 28.21
C ASP D 169 -5.44 -19.53 28.27
N SER D 170 -4.80 -19.22 27.12
CA SER D 170 -3.67 -18.27 27.02
C SER D 170 -2.36 -18.66 27.79
N THR D 171 -2.22 -19.92 28.21
CA THR D 171 -1.01 -20.36 28.92
C THR D 171 0.05 -20.85 27.93
N TYR D 172 1.28 -20.99 28.41
CA TYR D 172 2.40 -21.57 27.65
C TYR D 172 2.76 -22.87 28.32
N SER D 173 3.47 -23.74 27.59
CA SER D 173 4.10 -24.94 28.11
C SER D 173 5.52 -24.87 27.58
N LEU D 174 6.47 -25.40 28.34
CA LEU D 174 7.86 -25.33 27.98
C LEU D 174 8.56 -26.67 28.27
N SER D 175 9.45 -27.07 27.35
CA SER D 175 10.26 -28.26 27.53
C SER D 175 11.70 -27.85 27.60
N SER D 176 12.44 -28.50 28.49
CA SER D 176 13.88 -28.36 28.57
C SER D 176 14.41 -29.77 28.42
N THR D 177 15.24 -29.97 27.41
CA THR D 177 15.85 -31.26 27.12
C THR D 177 17.33 -31.22 27.45
N LEU D 178 17.78 -32.12 28.34
CA LEU D 178 19.18 -32.25 28.68
C LEU D 178 19.73 -33.42 27.88
N THR D 179 20.74 -33.18 27.01
CA THR D 179 21.32 -34.26 26.22
C THR D 179 22.72 -34.64 26.78
N LEU D 180 22.90 -35.92 27.06
CA LEU D 180 24.15 -36.49 27.60
C LEU D 180 24.49 -37.76 26.85
N SER D 181 25.79 -38.15 26.87
CA SER D 181 26.25 -39.40 26.27
C SER D 181 25.83 -40.50 27.24
N LYS D 182 25.65 -41.76 26.77
CA LYS D 182 25.27 -42.85 27.69
C LYS D 182 26.33 -43.04 28.77
N ALA D 183 27.63 -42.79 28.44
CA ALA D 183 28.73 -42.90 29.39
C ALA D 183 28.65 -41.82 30.48
N ASP D 184 28.35 -40.56 30.10
CA ASP D 184 28.20 -39.47 31.07
C ASP D 184 26.95 -39.62 31.95
N TYR D 185 25.84 -40.16 31.40
CA TYR D 185 24.60 -40.40 32.14
C TYR D 185 24.78 -41.51 33.19
N GLU D 186 25.49 -42.60 32.83
CA GLU D 186 25.77 -43.74 33.72
C GLU D 186 26.78 -43.43 34.82
N LYS D 187 27.44 -42.25 34.76
CA LYS D 187 28.43 -41.82 35.75
C LYS D 187 27.80 -41.04 36.91
N HIS D 188 26.47 -40.80 36.85
CA HIS D 188 25.76 -40.01 37.87
C HIS D 188 24.42 -40.61 38.31
N LYS D 189 23.95 -40.23 39.53
CA LYS D 189 22.69 -40.74 40.11
C LYS D 189 21.48 -39.76 40.08
N VAL D 190 21.59 -38.59 40.73
CA VAL D 190 20.47 -37.63 40.87
C VAL D 190 20.38 -36.67 39.71
N TYR D 191 19.22 -36.70 39.00
CA TYR D 191 18.91 -35.83 37.89
C TYR D 191 17.75 -34.97 38.35
N ALA D 192 18.00 -33.65 38.43
CA ALA D 192 17.07 -32.68 38.95
C ALA D 192 16.80 -31.52 37.99
N CYS D 193 15.54 -31.12 37.93
CA CYS D 193 15.07 -29.99 37.14
C CYS D 193 14.60 -28.90 38.13
N GLU D 194 15.28 -27.72 38.17
CA GLU D 194 14.91 -26.60 39.06
C GLU D 194 14.20 -25.52 38.27
N VAL D 195 12.96 -25.23 38.68
CA VAL D 195 12.06 -24.29 38.00
C VAL D 195 11.74 -23.07 38.86
N THR D 196 11.92 -21.87 38.29
CA THR D 196 11.61 -20.58 38.91
C THR D 196 10.58 -19.87 38.04
N HIS D 197 9.48 -19.38 38.66
CA HIS D 197 8.36 -18.70 37.98
C HIS D 197 7.63 -17.80 38.95
N GLN D 198 7.00 -16.73 38.43
CA GLN D 198 6.24 -15.75 39.22
C GLN D 198 5.15 -16.39 40.09
N GLY D 199 4.53 -17.46 39.57
CA GLY D 199 3.46 -18.20 40.26
C GLY D 199 3.91 -19.12 41.38
N LEU D 200 5.23 -19.29 41.54
CA LEU D 200 5.79 -20.16 42.56
C LEU D 200 6.40 -19.30 43.63
N SER D 201 5.89 -19.45 44.85
CA SER D 201 6.35 -18.78 46.07
C SER D 201 7.85 -19.07 46.28
N SER D 202 8.28 -20.28 45.84
CA SER D 202 9.63 -20.82 45.98
C SER D 202 9.98 -21.73 44.78
N PRO D 203 11.26 -21.76 44.28
CA PRO D 203 11.60 -22.65 43.14
C PRO D 203 11.26 -24.12 43.36
N VAL D 204 10.64 -24.76 42.34
CA VAL D 204 10.22 -26.17 42.40
C VAL D 204 11.26 -27.09 41.76
N THR D 205 11.60 -28.17 42.45
CA THR D 205 12.56 -29.16 41.97
C THR D 205 11.86 -30.49 41.76
N LYS D 206 12.08 -31.09 40.58
CA LYS D 206 11.59 -32.41 40.19
C LYS D 206 12.81 -33.29 39.92
N SER D 207 12.91 -34.42 40.66
CA SER D 207 14.06 -35.32 40.56
C SER D 207 13.70 -36.78 40.31
N PHE D 208 14.72 -37.57 39.97
CA PHE D 208 14.72 -39.02 39.84
C PHE D 208 16.13 -39.53 40.10
N ASN D 209 16.25 -40.80 40.53
CA ASN D 209 17.54 -41.45 40.72
C ASN D 209 17.73 -42.43 39.56
N ARG D 210 18.89 -42.32 38.84
CA ARG D 210 19.31 -43.05 37.63
C ARG D 210 18.75 -44.48 37.47
N GLY D 211 18.24 -44.71 36.27
CA GLY D 211 17.67 -45.97 35.79
C GLY D 211 16.50 -46.50 36.58
N GLU D 212 16.72 -47.63 37.26
CA GLU D 212 15.75 -48.36 38.08
C GLU D 212 15.60 -47.73 39.48
N CYS D 213 15.17 -46.45 39.49
CA CYS D 213 14.92 -45.61 40.67
C CYS D 213 16.16 -45.50 41.59
C1 EDO E . -10.09 42.63 10.34
O1 EDO E . -10.03 41.74 11.45
C2 EDO E . -8.73 43.35 10.23
O2 EDO E . -8.33 43.57 8.88
H11 EDO E . -10.36 42.13 9.41
H12 EDO E . -10.89 43.32 10.58
HO1 EDO E . -10.22 42.28 12.26
H21 EDO E . -8.80 44.36 10.66
H22 EDO E . -7.97 42.82 10.79
HO2 EDO E . -7.73 44.37 8.88
C1 EDO F . -13.97 44.14 -6.59
O1 EDO F . -14.73 44.46 -5.46
C2 EDO F . -13.46 45.45 -7.25
O2 EDO F . -14.56 46.15 -7.86
H11 EDO F . -13.14 43.48 -6.35
H12 EDO F . -14.65 43.61 -7.24
HO1 EDO F . -14.08 44.62 -4.72
H21 EDO F . -13.07 46.14 -6.50
H22 EDO F . -12.66 45.25 -7.95
HO2 EDO F . -15.30 46.21 -7.19
#